data_1DTX
# 
_entry.id   1DTX 
# 
_audit_conform.dict_name       mmcif_pdbx.dic 
_audit_conform.dict_version    5.397 
_audit_conform.dict_location   http://mmcif.pdb.org/dictionaries/ascii/mmcif_pdbx.dic 
# 
loop_
_database_2.database_id 
_database_2.database_code 
_database_2.pdbx_database_accession 
_database_2.pdbx_DOI 
PDB   1DTX         pdb_00001dtx 10.2210/pdb1dtx/pdb 
WWPDB D_1000172938 ?            ?                   
# 
loop_
_pdbx_audit_revision_history.ordinal 
_pdbx_audit_revision_history.data_content_type 
_pdbx_audit_revision_history.major_revision 
_pdbx_audit_revision_history.minor_revision 
_pdbx_audit_revision_history.revision_date 
1 'Structure model' 1 0 1992-01-15 
2 'Structure model' 1 1 2008-03-24 
3 'Structure model' 1 2 2011-07-13 
4 'Structure model' 2 0 2019-12-25 
5 'Structure model' 2 1 2024-10-16 
# 
_pdbx_audit_revision_details.ordinal             1 
_pdbx_audit_revision_details.revision_ordinal    1 
_pdbx_audit_revision_details.data_content_type   'Structure model' 
_pdbx_audit_revision_details.provider            repository 
_pdbx_audit_revision_details.type                'Initial release' 
_pdbx_audit_revision_details.description         ? 
_pdbx_audit_revision_details.details             ? 
# 
loop_
_pdbx_audit_revision_group.ordinal 
_pdbx_audit_revision_group.revision_ordinal 
_pdbx_audit_revision_group.data_content_type 
_pdbx_audit_revision_group.group 
1 2 'Structure model' 'Version format compliance' 
2 3 'Structure model' 'Version format compliance' 
3 4 'Structure model' 'Derived calculations'      
4 4 'Structure model' Other                       
5 4 'Structure model' 'Polymer sequence'          
6 5 'Structure model' 'Data collection'           
7 5 'Structure model' 'Database references'       
8 5 'Structure model' 'Derived calculations'      
9 5 'Structure model' 'Structure summary'         
# 
loop_
_pdbx_audit_revision_category.ordinal 
_pdbx_audit_revision_category.revision_ordinal 
_pdbx_audit_revision_category.data_content_type 
_pdbx_audit_revision_category.category 
1  4 'Structure model' entity_poly               
2  4 'Structure model' pdbx_database_status      
3  4 'Structure model' pdbx_struct_mod_residue   
4  4 'Structure model' struct_conn               
5  5 'Structure model' chem_comp_atom            
6  5 'Structure model' chem_comp_bond            
7  5 'Structure model' database_2                
8  5 'Structure model' pdbx_entry_details        
9  5 'Structure model' pdbx_modification_feature 
10 5 'Structure model' struct_site               
# 
loop_
_pdbx_audit_revision_item.ordinal 
_pdbx_audit_revision_item.revision_ordinal 
_pdbx_audit_revision_item.data_content_type 
_pdbx_audit_revision_item.item 
1 4 'Structure model' '_entity_poly.pdbx_seq_one_letter_code_can' 
2 4 'Structure model' '_pdbx_database_status.process_site'        
3 4 'Structure model' '_pdbx_struct_mod_residue.parent_comp_id'   
4 4 'Structure model' '_struct_conn.pdbx_leaving_atom_flag'       
5 5 'Structure model' '_database_2.pdbx_DOI'                      
6 5 'Structure model' '_database_2.pdbx_database_accession'       
7 5 'Structure model' '_struct_site.pdbx_auth_asym_id'            
8 5 'Structure model' '_struct_site.pdbx_auth_comp_id'            
9 5 'Structure model' '_struct_site.pdbx_auth_seq_id'             
# 
_pdbx_database_status.status_code                     REL 
_pdbx_database_status.entry_id                        1DTX 
_pdbx_database_status.recvd_initial_deposition_date   1991-04-29 
_pdbx_database_status.deposit_site                    ? 
_pdbx_database_status.process_site                    BNL 
_pdbx_database_status.status_code_sf                  REL 
_pdbx_database_status.status_code_mr                  ? 
_pdbx_database_status.SG_entry                        ? 
_pdbx_database_status.pdb_format_compatible           Y 
_pdbx_database_status.status_code_cs                  ? 
_pdbx_database_status.methods_development_category    ? 
_pdbx_database_status.status_code_nmr_data            ? 
# 
_audit_author.name           'Skarzynski, T.' 
_audit_author.pdbx_ordinal   1 
# 
loop_
_citation.id 
_citation.title 
_citation.journal_abbrev 
_citation.journal_volume 
_citation.page_first 
_citation.page_last 
_citation.year 
_citation.journal_id_ASTM 
_citation.country 
_citation.journal_id_ISSN 
_citation.journal_id_CSD 
_citation.book_publisher 
_citation.pdbx_database_id_PubMed 
_citation.pdbx_database_id_DOI 
primary 
;Crystal structure of alpha-dendrotoxin from the green mamba venom and its comparison with the structure of bovine pancreatic trypsin inhibitor.
;
J.Mol.Biol.                      224 671 683 1992 JMOBAK UK 0022-2836 0070 ? 1373774 '10.1016/0022-2836(92)90552-U' 
1       'The Amino Acid Sequences of Two Proteinase Inhibitor Homologues from Dendroaspis Augusticeps Venom' 
;Hoppe-Seyler's Z.Physiol.Chem.
;
361 661 ?   1980 HSZPAZ GW 0018-4888 0905 ? ?       ?                              
# 
loop_
_citation_author.citation_id 
_citation_author.name 
_citation_author.ordinal 
_citation_author.identifier_ORCID 
primary 'Skarzynski, T.' 1 ? 
1       'Joubert, F.J.'  2 ? 
1       'Taljaard, N.'   3 ? 
# 
loop_
_entity.id 
_entity.type 
_entity.src_method 
_entity.pdbx_description 
_entity.formula_weight 
_entity.pdbx_number_of_molecules 
_entity.pdbx_ec 
_entity.pdbx_mutation 
_entity.pdbx_fragment 
_entity.details 
1 polymer     man ALPHA-DENDROTOXIN 7069.176 1  ? ? ? ? 
2 non-polymer syn 'SULFATE ION'     96.063   5  ? ? ? ? 
3 water       nat water             18.015   59 ? ? ? ? 
# 
_entity_poly.entity_id                      1 
_entity_poly.type                           'polypeptide(L)' 
_entity_poly.nstd_linkage                   no 
_entity_poly.nstd_monomer                   yes 
_entity_poly.pdbx_seq_one_letter_code       '(PCA)PRRKLCILHRNPGRCYDKIPAFYYNQKKKQCERFDWSGCGGNSNRFKTIEECRRTCIG' 
_entity_poly.pdbx_seq_one_letter_code_can   QPRRKLCILHRNPGRCYDKIPAFYYNQKKKQCERFDWSGCGGNSNRFKTIEECRRTCIG 
_entity_poly.pdbx_strand_id                 A 
_entity_poly.pdbx_target_identifier         ? 
# 
loop_
_pdbx_entity_nonpoly.entity_id 
_pdbx_entity_nonpoly.name 
_pdbx_entity_nonpoly.comp_id 
2 'SULFATE ION' SO4 
3 water         HOH 
# 
loop_
_entity_poly_seq.entity_id 
_entity_poly_seq.num 
_entity_poly_seq.mon_id 
_entity_poly_seq.hetero 
1 1  PCA n 
1 2  PRO n 
1 3  ARG n 
1 4  ARG n 
1 5  LYS n 
1 6  LEU n 
1 7  CYS n 
1 8  ILE n 
1 9  LEU n 
1 10 HIS n 
1 11 ARG n 
1 12 ASN n 
1 13 PRO n 
1 14 GLY n 
1 15 ARG n 
1 16 CYS n 
1 17 TYR n 
1 18 ASP n 
1 19 LYS n 
1 20 ILE n 
1 21 PRO n 
1 22 ALA n 
1 23 PHE n 
1 24 TYR n 
1 25 TYR n 
1 26 ASN n 
1 27 GLN n 
1 28 LYS n 
1 29 LYS n 
1 30 LYS n 
1 31 GLN n 
1 32 CYS n 
1 33 GLU n 
1 34 ARG n 
1 35 PHE n 
1 36 ASP n 
1 37 TRP n 
1 38 SER n 
1 39 GLY n 
1 40 CYS n 
1 41 GLY n 
1 42 GLY n 
1 43 ASN n 
1 44 SER n 
1 45 ASN n 
1 46 ARG n 
1 47 PHE n 
1 48 LYS n 
1 49 THR n 
1 50 ILE n 
1 51 GLU n 
1 52 GLU n 
1 53 CYS n 
1 54 ARG n 
1 55 ARG n 
1 56 THR n 
1 57 CYS n 
1 58 ILE n 
1 59 GLY n 
# 
_entity_src_gen.entity_id                          1 
_entity_src_gen.pdbx_src_id                        1 
_entity_src_gen.pdbx_alt_source_flag               sample 
_entity_src_gen.pdbx_seq_type                      ? 
_entity_src_gen.pdbx_beg_seq_num                   ? 
_entity_src_gen.pdbx_end_seq_num                   ? 
_entity_src_gen.gene_src_common_name               'eastern green mamba' 
_entity_src_gen.gene_src_genus                     Dendroaspis 
_entity_src_gen.pdbx_gene_src_gene                 ? 
_entity_src_gen.gene_src_species                   ? 
_entity_src_gen.gene_src_strain                    ? 
_entity_src_gen.gene_src_tissue                    ? 
_entity_src_gen.gene_src_tissue_fraction           ? 
_entity_src_gen.gene_src_details                   ? 
_entity_src_gen.pdbx_gene_src_fragment             ? 
_entity_src_gen.pdbx_gene_src_scientific_name      'Dendroaspis angusticeps' 
_entity_src_gen.pdbx_gene_src_ncbi_taxonomy_id     8618 
_entity_src_gen.pdbx_gene_src_variant              ? 
_entity_src_gen.pdbx_gene_src_cell_line            ? 
_entity_src_gen.pdbx_gene_src_atcc                 ? 
_entity_src_gen.pdbx_gene_src_organ                ? 
_entity_src_gen.pdbx_gene_src_organelle            ? 
_entity_src_gen.pdbx_gene_src_cell                 ? 
_entity_src_gen.pdbx_gene_src_cellular_location    ? 
_entity_src_gen.host_org_common_name               ? 
_entity_src_gen.pdbx_host_org_scientific_name      ? 
_entity_src_gen.pdbx_host_org_ncbi_taxonomy_id     ? 
_entity_src_gen.host_org_genus                     ? 
_entity_src_gen.pdbx_host_org_gene                 ? 
_entity_src_gen.pdbx_host_org_organ                ? 
_entity_src_gen.host_org_species                   ? 
_entity_src_gen.pdbx_host_org_tissue               ? 
_entity_src_gen.pdbx_host_org_tissue_fraction      ? 
_entity_src_gen.pdbx_host_org_strain               ? 
_entity_src_gen.pdbx_host_org_variant              ? 
_entity_src_gen.pdbx_host_org_cell_line            ? 
_entity_src_gen.pdbx_host_org_atcc                 ? 
_entity_src_gen.pdbx_host_org_culture_collection   ? 
_entity_src_gen.pdbx_host_org_cell                 ? 
_entity_src_gen.pdbx_host_org_organelle            ? 
_entity_src_gen.pdbx_host_org_cellular_location    ? 
_entity_src_gen.pdbx_host_org_vector_type          ? 
_entity_src_gen.pdbx_host_org_vector               ? 
_entity_src_gen.host_org_details                   ? 
_entity_src_gen.expression_system_id               ? 
_entity_src_gen.plasmid_name                       ? 
_entity_src_gen.plasmid_details                    ? 
_entity_src_gen.pdbx_description                   ? 
# 
loop_
_chem_comp.id 
_chem_comp.type 
_chem_comp.mon_nstd_flag 
_chem_comp.name 
_chem_comp.pdbx_synonyms 
_chem_comp.formula 
_chem_comp.formula_weight 
ALA 'L-peptide linking' y ALANINE             ? 'C3 H7 N O2'     89.093  
ARG 'L-peptide linking' y ARGININE            ? 'C6 H15 N4 O2 1' 175.209 
ASN 'L-peptide linking' y ASPARAGINE          ? 'C4 H8 N2 O3'    132.118 
ASP 'L-peptide linking' y 'ASPARTIC ACID'     ? 'C4 H7 N O4'     133.103 
CYS 'L-peptide linking' y CYSTEINE            ? 'C3 H7 N O2 S'   121.158 
GLN 'L-peptide linking' y GLUTAMINE           ? 'C5 H10 N2 O3'   146.144 
GLU 'L-peptide linking' y 'GLUTAMIC ACID'     ? 'C5 H9 N O4'     147.129 
GLY 'peptide linking'   y GLYCINE             ? 'C2 H5 N O2'     75.067  
HIS 'L-peptide linking' y HISTIDINE           ? 'C6 H10 N3 O2 1' 156.162 
HOH non-polymer         . WATER               ? 'H2 O'           18.015  
ILE 'L-peptide linking' y ISOLEUCINE          ? 'C6 H13 N O2'    131.173 
LEU 'L-peptide linking' y LEUCINE             ? 'C6 H13 N O2'    131.173 
LYS 'L-peptide linking' y LYSINE              ? 'C6 H15 N2 O2 1' 147.195 
PCA 'L-peptide linking' n 'PYROGLUTAMIC ACID' ? 'C5 H7 N O3'     129.114 
PHE 'L-peptide linking' y PHENYLALANINE       ? 'C9 H11 N O2'    165.189 
PRO 'L-peptide linking' y PROLINE             ? 'C5 H9 N O2'     115.130 
SER 'L-peptide linking' y SERINE              ? 'C3 H7 N O3'     105.093 
SO4 non-polymer         . 'SULFATE ION'       ? 'O4 S -2'        96.063  
THR 'L-peptide linking' y THREONINE           ? 'C4 H9 N O3'     119.119 
TRP 'L-peptide linking' y TRYPTOPHAN          ? 'C11 H12 N2 O2'  204.225 
TYR 'L-peptide linking' y TYROSINE            ? 'C9 H11 N O3'    181.189 
# 
loop_
_pdbx_poly_seq_scheme.asym_id 
_pdbx_poly_seq_scheme.entity_id 
_pdbx_poly_seq_scheme.seq_id 
_pdbx_poly_seq_scheme.mon_id 
_pdbx_poly_seq_scheme.ndb_seq_num 
_pdbx_poly_seq_scheme.pdb_seq_num 
_pdbx_poly_seq_scheme.auth_seq_num 
_pdbx_poly_seq_scheme.pdb_mon_id 
_pdbx_poly_seq_scheme.auth_mon_id 
_pdbx_poly_seq_scheme.pdb_strand_id 
_pdbx_poly_seq_scheme.pdb_ins_code 
_pdbx_poly_seq_scheme.hetero 
A 1 1  PCA 1  1  1  PCA PCA A . n 
A 1 2  PRO 2  2  2  PRO PRO A . n 
A 1 3  ARG 3  3  3  ARG ARG A . n 
A 1 4  ARG 4  4  4  ARG ARG A . n 
A 1 5  LYS 5  5  5  LYS LYS A . n 
A 1 6  LEU 6  6  6  LEU LEU A . n 
A 1 7  CYS 7  7  7  CYS CYS A . n 
A 1 8  ILE 8  8  8  ILE ILE A . n 
A 1 9  LEU 9  9  9  LEU LEU A . n 
A 1 10 HIS 10 10 10 HIS HIS A . n 
A 1 11 ARG 11 11 11 ARG ARG A . n 
A 1 12 ASN 12 12 12 ASN ASN A . n 
A 1 13 PRO 13 13 13 PRO PRO A . n 
A 1 14 GLY 14 14 14 GLY GLY A . n 
A 1 15 ARG 15 15 15 ARG ARG A . n 
A 1 16 CYS 16 16 16 CYS CYS A . n 
A 1 17 TYR 17 17 17 TYR TYR A . n 
A 1 18 ASP 18 18 18 ASP ASP A . n 
A 1 19 LYS 19 19 19 LYS LYS A . n 
A 1 20 ILE 20 20 20 ILE ILE A . n 
A 1 21 PRO 21 21 21 PRO PRO A . n 
A 1 22 ALA 22 22 22 ALA ALA A . n 
A 1 23 PHE 23 23 23 PHE PHE A . n 
A 1 24 TYR 24 24 24 TYR TYR A . n 
A 1 25 TYR 25 25 25 TYR TYR A . n 
A 1 26 ASN 26 26 26 ASN ASN A . n 
A 1 27 GLN 27 27 27 GLN GLN A . n 
A 1 28 LYS 28 28 28 LYS LYS A . n 
A 1 29 LYS 29 29 29 LYS LYS A . n 
A 1 30 LYS 30 30 30 LYS LYS A . n 
A 1 31 GLN 31 31 31 GLN GLN A . n 
A 1 32 CYS 32 32 32 CYS CYS A . n 
A 1 33 GLU 33 33 33 GLU GLU A . n 
A 1 34 ARG 34 34 34 ARG ARG A . n 
A 1 35 PHE 35 35 35 PHE PHE A . n 
A 1 36 ASP 36 36 36 ASP ASP A . n 
A 1 37 TRP 37 37 37 TRP TRP A . n 
A 1 38 SER 38 38 38 SER SER A . n 
A 1 39 GLY 39 39 39 GLY GLY A . n 
A 1 40 CYS 40 40 40 CYS CYS A . n 
A 1 41 GLY 41 41 41 GLY GLY A . n 
A 1 42 GLY 42 42 42 GLY GLY A . n 
A 1 43 ASN 43 43 43 ASN ASN A . n 
A 1 44 SER 44 44 44 SER SER A . n 
A 1 45 ASN 45 45 45 ASN ASN A . n 
A 1 46 ARG 46 46 46 ARG ARG A . n 
A 1 47 PHE 47 47 47 PHE PHE A . n 
A 1 48 LYS 48 48 48 LYS LYS A . n 
A 1 49 THR 49 49 49 THR THR A . n 
A 1 50 ILE 50 50 50 ILE ILE A . n 
A 1 51 GLU 51 51 51 GLU GLU A . n 
A 1 52 GLU 52 52 52 GLU GLU A . n 
A 1 53 CYS 53 53 53 CYS CYS A . n 
A 1 54 ARG 54 54 54 ARG ARG A . n 
A 1 55 ARG 55 55 55 ARG ARG A . n 
A 1 56 THR 56 56 56 THR THR A . n 
A 1 57 CYS 57 57 57 CYS CYS A . n 
A 1 58 ILE 58 58 58 ILE ILE A . n 
A 1 59 GLY 59 59 59 GLY GLY A . n 
# 
loop_
_pdbx_nonpoly_scheme.asym_id 
_pdbx_nonpoly_scheme.entity_id 
_pdbx_nonpoly_scheme.mon_id 
_pdbx_nonpoly_scheme.ndb_seq_num 
_pdbx_nonpoly_scheme.pdb_seq_num 
_pdbx_nonpoly_scheme.auth_seq_num 
_pdbx_nonpoly_scheme.pdb_mon_id 
_pdbx_nonpoly_scheme.auth_mon_id 
_pdbx_nonpoly_scheme.pdb_strand_id 
_pdbx_nonpoly_scheme.pdb_ins_code 
B 2 SO4 1  60  60 SO4 SO4 A . 
C 2 SO4 1  61  61 SO4 SO4 A . 
D 2 SO4 1  62  62 SO4 SO4 A . 
E 2 SO4 1  63  63 SO4 SO4 A . 
F 2 SO4 1  64  64 SO4 SO4 A . 
G 3 HOH 1  65  1  HOH HOH A . 
G 3 HOH 2  66  2  HOH HOH A . 
G 3 HOH 3  67  3  HOH HOH A . 
G 3 HOH 4  68  4  HOH HOH A . 
G 3 HOH 5  69  5  HOH HOH A . 
G 3 HOH 6  70  6  HOH HOH A . 
G 3 HOH 7  71  7  HOH HOH A . 
G 3 HOH 8  72  8  HOH HOH A . 
G 3 HOH 9  73  9  HOH HOH A . 
G 3 HOH 10 74  10 HOH HOH A . 
G 3 HOH 11 75  11 HOH HOH A . 
G 3 HOH 12 76  12 HOH HOH A . 
G 3 HOH 13 77  13 HOH HOH A . 
G 3 HOH 14 78  14 HOH HOH A . 
G 3 HOH 15 79  15 HOH HOH A . 
G 3 HOH 16 80  16 HOH HOH A . 
G 3 HOH 17 81  17 HOH HOH A . 
G 3 HOH 18 82  18 HOH HOH A . 
G 3 HOH 19 83  19 HOH HOH A . 
G 3 HOH 20 84  20 HOH HOH A . 
G 3 HOH 21 85  21 HOH HOH A . 
G 3 HOH 22 86  22 HOH HOH A . 
G 3 HOH 23 87  23 HOH HOH A . 
G 3 HOH 24 88  24 HOH HOH A . 
G 3 HOH 25 89  25 HOH HOH A . 
G 3 HOH 26 90  26 HOH HOH A . 
G 3 HOH 27 91  27 HOH HOH A . 
G 3 HOH 28 92  28 HOH HOH A . 
G 3 HOH 29 93  29 HOH HOH A . 
G 3 HOH 30 94  30 HOH HOH A . 
G 3 HOH 31 95  31 HOH HOH A . 
G 3 HOH 32 96  32 HOH HOH A . 
G 3 HOH 33 97  33 HOH HOH A . 
G 3 HOH 34 98  34 HOH HOH A . 
G 3 HOH 35 99  35 HOH HOH A . 
G 3 HOH 36 100 36 HOH HOH A . 
G 3 HOH 37 101 37 HOH HOH A . 
G 3 HOH 38 102 38 HOH HOH A . 
G 3 HOH 39 103 39 HOH HOH A . 
G 3 HOH 40 104 40 HOH HOH A . 
G 3 HOH 41 105 41 HOH HOH A . 
G 3 HOH 42 106 42 HOH HOH A . 
G 3 HOH 43 107 43 HOH HOH A . 
G 3 HOH 44 108 44 HOH HOH A . 
G 3 HOH 45 109 45 HOH HOH A . 
G 3 HOH 46 110 46 HOH HOH A . 
G 3 HOH 47 111 47 HOH HOH A . 
G 3 HOH 48 112 48 HOH HOH A . 
G 3 HOH 49 113 49 HOH HOH A . 
G 3 HOH 50 114 50 HOH HOH A . 
G 3 HOH 51 115 51 HOH HOH A . 
G 3 HOH 52 116 52 HOH HOH A . 
G 3 HOH 53 117 53 HOH HOH A . 
G 3 HOH 54 118 54 HOH HOH A . 
G 3 HOH 55 119 55 HOH HOH A . 
G 3 HOH 56 120 56 HOH HOH A . 
G 3 HOH 57 121 57 HOH HOH A . 
G 3 HOH 58 122 58 HOH HOH A . 
G 3 HOH 59 123 59 HOH HOH A . 
# 
loop_
_pdbx_unobs_or_zero_occ_atoms.id 
_pdbx_unobs_or_zero_occ_atoms.PDB_model_num 
_pdbx_unobs_or_zero_occ_atoms.polymer_flag 
_pdbx_unobs_or_zero_occ_atoms.occupancy_flag 
_pdbx_unobs_or_zero_occ_atoms.auth_asym_id 
_pdbx_unobs_or_zero_occ_atoms.auth_comp_id 
_pdbx_unobs_or_zero_occ_atoms.auth_seq_id 
_pdbx_unobs_or_zero_occ_atoms.PDB_ins_code 
_pdbx_unobs_or_zero_occ_atoms.auth_atom_id 
_pdbx_unobs_or_zero_occ_atoms.label_alt_id 
_pdbx_unobs_or_zero_occ_atoms.label_asym_id 
_pdbx_unobs_or_zero_occ_atoms.label_comp_id 
_pdbx_unobs_or_zero_occ_atoms.label_seq_id 
_pdbx_unobs_or_zero_occ_atoms.label_atom_id 
1  1 Y 1 A PCA 1  ? CB  ? A PCA 1  CB  
2  1 Y 1 A PCA 1  ? CG  ? A PCA 1  CG  
3  1 Y 1 A PCA 1  ? CD  ? A PCA 1  CD  
4  1 Y 1 A PCA 1  ? OE  ? A PCA 1  OE  
5  1 Y 1 A LYS 19 ? CG  ? A LYS 19 CG  
6  1 Y 1 A LYS 19 ? CD  ? A LYS 19 CD  
7  1 Y 1 A LYS 19 ? CE  ? A LYS 19 CE  
8  1 Y 1 A LYS 19 ? NZ  ? A LYS 19 NZ  
9  1 Y 1 A LYS 28 ? CD  ? A LYS 28 CD  
10 1 Y 1 A LYS 28 ? CE  ? A LYS 28 CE  
11 1 Y 1 A LYS 28 ? NZ  ? A LYS 28 NZ  
12 1 Y 1 A ARG 34 ? CD  ? A ARG 34 CD  
13 1 Y 1 A ARG 34 ? NE  ? A ARG 34 NE  
14 1 Y 1 A ARG 34 ? CZ  ? A ARG 34 CZ  
15 1 Y 1 A ARG 34 ? NH1 ? A ARG 34 NH1 
16 1 Y 1 A ARG 34 ? NH2 ? A ARG 34 NH2 
# 
_software.name             PROLSQ 
_software.classification   refinement 
_software.version          . 
_software.citation_id      ? 
_software.pdbx_ordinal     1 
# 
_cell.entry_id           1DTX 
_cell.length_a           73.530 
_cell.length_b           39.060 
_cell.length_c           23.150 
_cell.angle_alpha        90.00 
_cell.angle_beta         90.00 
_cell.angle_gamma        90.00 
_cell.Z_PDB              4 
_cell.pdbx_unique_axis   ? 
# 
_symmetry.entry_id                         1DTX 
_symmetry.space_group_name_H-M             'P 21 21 21' 
_symmetry.pdbx_full_space_group_name_H-M   ? 
_symmetry.cell_setting                     ? 
_symmetry.Int_Tables_number                19 
# 
_exptl.entry_id          1DTX 
_exptl.method            'X-RAY DIFFRACTION' 
_exptl.crystals_number   ? 
# 
_exptl_crystal.id                    1 
_exptl_crystal.density_meas          ? 
_exptl_crystal.density_Matthews      2.35 
_exptl_crystal.density_percent_sol   47.67 
_exptl_crystal.description           ? 
# 
_diffrn.id                     1 
_diffrn.ambient_temp           ? 
_diffrn.ambient_temp_details   ? 
_diffrn.crystal_id             1 
# 
_diffrn_radiation.diffrn_id                        1 
_diffrn_radiation.wavelength_id                    1 
_diffrn_radiation.pdbx_monochromatic_or_laue_m_l   ? 
_diffrn_radiation.monochromator                    ? 
_diffrn_radiation.pdbx_diffrn_protocol             ? 
_diffrn_radiation.pdbx_scattering_type             x-ray 
# 
_diffrn_radiation_wavelength.id           1 
_diffrn_radiation_wavelength.wavelength   . 
_diffrn_radiation_wavelength.wt           1.0 
# 
_refine.entry_id                                 1DTX 
_refine.ls_number_reflns_obs                     ? 
_refine.ls_number_reflns_all                     ? 
_refine.pdbx_ls_sigma_I                          ? 
_refine.pdbx_ls_sigma_F                          ? 
_refine.pdbx_data_cutoff_high_absF               ? 
_refine.pdbx_data_cutoff_low_absF                ? 
_refine.pdbx_data_cutoff_high_rms_absF           ? 
_refine.ls_d_res_low                             7.0 
_refine.ls_d_res_high                            2.2 
_refine.ls_percent_reflns_obs                    ? 
_refine.ls_R_factor_obs                          0.169 
_refine.ls_R_factor_all                          ? 
_refine.ls_R_factor_R_work                       ? 
_refine.ls_R_factor_R_free                       ? 
_refine.ls_R_factor_R_free_error                 ? 
_refine.ls_R_factor_R_free_error_details         ? 
_refine.ls_percent_reflns_R_free                 ? 
_refine.ls_number_reflns_R_free                  ? 
_refine.ls_number_parameters                     ? 
_refine.ls_number_restraints                     ? 
_refine.occupancy_min                            ? 
_refine.occupancy_max                            ? 
_refine.B_iso_mean                               ? 
_refine.aniso_B[1][1]                            ? 
_refine.aniso_B[2][2]                            ? 
_refine.aniso_B[3][3]                            ? 
_refine.aniso_B[1][2]                            ? 
_refine.aniso_B[1][3]                            ? 
_refine.aniso_B[2][3]                            ? 
_refine.solvent_model_details                    ? 
_refine.solvent_model_param_ksol                 ? 
_refine.solvent_model_param_bsol                 ? 
_refine.pdbx_ls_cross_valid_method               ? 
_refine.details                                  ? 
_refine.pdbx_starting_model                      ? 
_refine.pdbx_method_to_determine_struct          ? 
_refine.pdbx_isotropic_thermal_model             ? 
_refine.pdbx_stereochemistry_target_values       ? 
_refine.pdbx_stereochem_target_val_spec_case     ? 
_refine.pdbx_R_Free_selection_details            ? 
_refine.pdbx_overall_ESU_R                       ? 
_refine.pdbx_overall_ESU_R_Free                  ? 
_refine.overall_SU_ML                            ? 
_refine.overall_SU_B                             ? 
_refine.pdbx_refine_id                           'X-RAY DIFFRACTION' 
_refine.pdbx_diffrn_id                           1 
_refine.pdbx_TLS_residual_ADP_flag               ? 
_refine.correlation_coeff_Fo_to_Fc               ? 
_refine.correlation_coeff_Fo_to_Fc_free          ? 
_refine.pdbx_solvent_vdw_probe_radii             ? 
_refine.pdbx_solvent_ion_probe_radii             ? 
_refine.pdbx_solvent_shrinkage_radii             ? 
_refine.pdbx_overall_phase_error                 ? 
_refine.overall_SU_R_Cruickshank_DPI             ? 
_refine.pdbx_overall_SU_R_free_Cruickshank_DPI   ? 
_refine.pdbx_overall_SU_R_Blow_DPI               ? 
_refine.pdbx_overall_SU_R_free_Blow_DPI          ? 
# 
_refine_hist.pdbx_refine_id                   'X-RAY DIFFRACTION' 
_refine_hist.cycle_id                         LAST 
_refine_hist.pdbx_number_atoms_protein        477 
_refine_hist.pdbx_number_atoms_nucleic_acid   0 
_refine_hist.pdbx_number_atoms_ligand         25 
_refine_hist.number_atoms_solvent             59 
_refine_hist.number_atoms_total               561 
_refine_hist.d_res_high                       2.2 
_refine_hist.d_res_low                        7.0 
# 
loop_
_refine_ls_restr.type 
_refine_ls_restr.dev_ideal 
_refine_ls_restr.dev_ideal_target 
_refine_ls_restr.weight 
_refine_ls_restr.number 
_refine_ls_restr.pdbx_refine_id 
_refine_ls_restr.pdbx_restraint_function 
p_bond_d            0.027 0.020 ? ? 'X-RAY DIFFRACTION' ? 
p_angle_d           0.036 0.020 ? ? 'X-RAY DIFFRACTION' ? 
p_angle_deg         ?     ?     ? ? 'X-RAY DIFFRACTION' ? 
p_planar_d          0.049 0.040 ? ? 'X-RAY DIFFRACTION' ? 
p_hb_or_metal_coord ?     ?     ? ? 'X-RAY DIFFRACTION' ? 
p_mcbond_it         1.43  1.000 ? ? 'X-RAY DIFFRACTION' ? 
p_mcangle_it        2.35  2.000 ? ? 'X-RAY DIFFRACTION' ? 
p_scbond_it         3.40  2.000 ? ? 'X-RAY DIFFRACTION' ? 
p_scangle_it        5.18  2.500 ? ? 'X-RAY DIFFRACTION' ? 
p_plane_restr       0.023 0.020 ? ? 'X-RAY DIFFRACTION' ? 
p_chiral_restr      ?     ?     ? ? 'X-RAY DIFFRACTION' ? 
p_singtor_nbd       0.186 0.300 ? ? 'X-RAY DIFFRACTION' ? 
p_multtor_nbd       0.271 0.300 ? ? 'X-RAY DIFFRACTION' ? 
p_xhyhbond_nbd      0.220 0.300 ? ? 'X-RAY DIFFRACTION' ? 
p_xyhbond_nbd       ?     ?     ? ? 'X-RAY DIFFRACTION' ? 
p_planar_tor        4.4   10.0  ? ? 'X-RAY DIFFRACTION' ? 
p_staggered_tor     23.1  15.0  ? ? 'X-RAY DIFFRACTION' ? 
p_orthonormal_tor   20.4  20.0  ? ? 'X-RAY DIFFRACTION' ? 
p_transverse_tor    ?     ?     ? ? 'X-RAY DIFFRACTION' ? 
p_special_tor       ?     ?     ? ? 'X-RAY DIFFRACTION' ? 
# 
_struct.entry_id                  1DTX 
_struct.title                     
;CRYSTAL STRUCTURE OF ALPHA-DENDROTOXIN FROM THE GREEN MAMBA VENOM AND ITS COMPARISON WITH THE STRUCTURE OF BOVINE PANCREATIC TRYPSIN INHIBITOR
;
_struct.pdbx_model_details        ? 
_struct.pdbx_CASP_flag            ? 
_struct.pdbx_model_type_details   ? 
# 
_struct_keywords.entry_id        1DTX 
_struct_keywords.pdbx_keywords   'PRESYNAPTIC NEUROTOXIN' 
_struct_keywords.text            'PRESYNAPTIC NEUROTOXIN' 
# 
loop_
_struct_asym.id 
_struct_asym.pdbx_blank_PDB_chainid_flag 
_struct_asym.pdbx_modified 
_struct_asym.entity_id 
_struct_asym.details 
A N N 1 ? 
B N N 2 ? 
C N N 2 ? 
D N N 2 ? 
E N N 2 ? 
F N N 2 ? 
G N N 3 ? 
# 
_struct_ref.id                         1 
_struct_ref.db_name                    UNP 
_struct_ref.db_code                    IVBII_DENAN 
_struct_ref.entity_id                  1 
_struct_ref.pdbx_db_accession          P00980 
_struct_ref.pdbx_align_begin           1 
_struct_ref.pdbx_seq_one_letter_code   QPRRKLCILHRNPGRCYDKIPAFYYNQKKKQCERFDWSGCGGNSNRFKTIEECRRTCIG 
_struct_ref.pdbx_db_isoform            ? 
# 
_struct_ref_seq.align_id                      1 
_struct_ref_seq.ref_id                        1 
_struct_ref_seq.pdbx_PDB_id_code              1DTX 
_struct_ref_seq.pdbx_strand_id                A 
_struct_ref_seq.seq_align_beg                 2 
_struct_ref_seq.pdbx_seq_align_beg_ins_code   ? 
_struct_ref_seq.seq_align_end                 59 
_struct_ref_seq.pdbx_seq_align_end_ins_code   ? 
_struct_ref_seq.pdbx_db_accession             P00980 
_struct_ref_seq.db_align_beg                  2 
_struct_ref_seq.pdbx_db_align_beg_ins_code    ? 
_struct_ref_seq.db_align_end                  59 
_struct_ref_seq.pdbx_db_align_end_ins_code    ? 
_struct_ref_seq.pdbx_auth_seq_align_beg       2 
_struct_ref_seq.pdbx_auth_seq_align_end       59 
# 
_pdbx_struct_assembly.id                   1 
_pdbx_struct_assembly.details              author_defined_assembly 
_pdbx_struct_assembly.method_details       ? 
_pdbx_struct_assembly.oligomeric_details   monomeric 
_pdbx_struct_assembly.oligomeric_count     1 
# 
_pdbx_struct_assembly_gen.assembly_id       1 
_pdbx_struct_assembly_gen.oper_expression   1 
_pdbx_struct_assembly_gen.asym_id_list      A,B,C,D,E,F,G 
# 
_pdbx_struct_oper_list.id                   1 
_pdbx_struct_oper_list.type                 'identity operation' 
_pdbx_struct_oper_list.name                 1_555 
_pdbx_struct_oper_list.symmetry_operation   x,y,z 
_pdbx_struct_oper_list.matrix[1][1]         1.0000000000 
_pdbx_struct_oper_list.matrix[1][2]         0.0000000000 
_pdbx_struct_oper_list.matrix[1][3]         0.0000000000 
_pdbx_struct_oper_list.vector[1]            0.0000000000 
_pdbx_struct_oper_list.matrix[2][1]         0.0000000000 
_pdbx_struct_oper_list.matrix[2][2]         1.0000000000 
_pdbx_struct_oper_list.matrix[2][3]         0.0000000000 
_pdbx_struct_oper_list.vector[2]            0.0000000000 
_pdbx_struct_oper_list.matrix[3][1]         0.0000000000 
_pdbx_struct_oper_list.matrix[3][2]         0.0000000000 
_pdbx_struct_oper_list.matrix[3][3]         1.0000000000 
_pdbx_struct_oper_list.vector[3]            0.0000000000 
# 
_struct_biol.id   1 
# 
_struct_conf.conf_type_id            HELX_P 
_struct_conf.id                      HELX_P1 
_struct_conf.pdbx_PDB_helix_id       H1 
_struct_conf.beg_label_comp_id       ILE 
_struct_conf.beg_label_asym_id       A 
_struct_conf.beg_label_seq_id        50 
_struct_conf.pdbx_beg_PDB_ins_code   ? 
_struct_conf.end_label_comp_id       ILE 
_struct_conf.end_label_asym_id       A 
_struct_conf.end_label_seq_id        58 
_struct_conf.pdbx_end_PDB_ins_code   ? 
_struct_conf.beg_auth_comp_id        ILE 
_struct_conf.beg_auth_asym_id        A 
_struct_conf.beg_auth_seq_id         50 
_struct_conf.end_auth_comp_id        ILE 
_struct_conf.end_auth_asym_id        A 
_struct_conf.end_auth_seq_id         58 
_struct_conf.pdbx_PDB_helix_class    1 
_struct_conf.details                 ? 
_struct_conf.pdbx_PDB_helix_length   9 
# 
_struct_conf_type.id          HELX_P 
_struct_conf_type.criteria    ? 
_struct_conf_type.reference   ? 
# 
loop_
_struct_conn.id 
_struct_conn.conn_type_id 
_struct_conn.pdbx_leaving_atom_flag 
_struct_conn.pdbx_PDB_id 
_struct_conn.ptnr1_label_asym_id 
_struct_conn.ptnr1_label_comp_id 
_struct_conn.ptnr1_label_seq_id 
_struct_conn.ptnr1_label_atom_id 
_struct_conn.pdbx_ptnr1_label_alt_id 
_struct_conn.pdbx_ptnr1_PDB_ins_code 
_struct_conn.pdbx_ptnr1_standard_comp_id 
_struct_conn.ptnr1_symmetry 
_struct_conn.ptnr2_label_asym_id 
_struct_conn.ptnr2_label_comp_id 
_struct_conn.ptnr2_label_seq_id 
_struct_conn.ptnr2_label_atom_id 
_struct_conn.pdbx_ptnr2_label_alt_id 
_struct_conn.pdbx_ptnr2_PDB_ins_code 
_struct_conn.ptnr1_auth_asym_id 
_struct_conn.ptnr1_auth_comp_id 
_struct_conn.ptnr1_auth_seq_id 
_struct_conn.ptnr2_auth_asym_id 
_struct_conn.ptnr2_auth_comp_id 
_struct_conn.ptnr2_auth_seq_id 
_struct_conn.ptnr2_symmetry 
_struct_conn.pdbx_ptnr3_label_atom_id 
_struct_conn.pdbx_ptnr3_label_seq_id 
_struct_conn.pdbx_ptnr3_label_comp_id 
_struct_conn.pdbx_ptnr3_label_asym_id 
_struct_conn.pdbx_ptnr3_label_alt_id 
_struct_conn.pdbx_ptnr3_PDB_ins_code 
_struct_conn.details 
_struct_conn.pdbx_dist_value 
_struct_conn.pdbx_value_order 
_struct_conn.pdbx_role 
disulf1 disulf ?    ? A CYS 7  SG ? ? ? 1_555 A CYS 57 SG ? ? A CYS 7  A CYS 57 1_555 ? ? ? ? ? ? ? 2.012 ? ? 
disulf2 disulf ?    ? A CYS 16 SG ? ? ? 1_555 A CYS 40 SG ? ? A CYS 16 A CYS 40 1_555 ? ? ? ? ? ? ? 2.086 ? ? 
disulf3 disulf ?    ? A CYS 32 SG ? ? ? 1_555 A CYS 53 SG ? ? A CYS 32 A CYS 53 1_555 ? ? ? ? ? ? ? 2.011 ? ? 
covale1 covale both ? A PCA 1  C  ? ? ? 1_555 A PRO 2  N  ? ? A PCA 1  A PRO 2  1_555 ? ? ? ? ? ? ? 1.340 ? ? 
# 
loop_
_struct_conn_type.id 
_struct_conn_type.criteria 
_struct_conn_type.reference 
disulf ? ? 
covale ? ? 
# 
loop_
_pdbx_modification_feature.ordinal 
_pdbx_modification_feature.label_comp_id 
_pdbx_modification_feature.label_asym_id 
_pdbx_modification_feature.label_seq_id 
_pdbx_modification_feature.label_alt_id 
_pdbx_modification_feature.modified_residue_label_comp_id 
_pdbx_modification_feature.modified_residue_label_asym_id 
_pdbx_modification_feature.modified_residue_label_seq_id 
_pdbx_modification_feature.modified_residue_label_alt_id 
_pdbx_modification_feature.auth_comp_id 
_pdbx_modification_feature.auth_asym_id 
_pdbx_modification_feature.auth_seq_id 
_pdbx_modification_feature.PDB_ins_code 
_pdbx_modification_feature.symmetry 
_pdbx_modification_feature.modified_residue_auth_comp_id 
_pdbx_modification_feature.modified_residue_auth_asym_id 
_pdbx_modification_feature.modified_residue_auth_seq_id 
_pdbx_modification_feature.modified_residue_PDB_ins_code 
_pdbx_modification_feature.modified_residue_symmetry 
_pdbx_modification_feature.comp_id_linking_atom 
_pdbx_modification_feature.modified_residue_id_linking_atom 
_pdbx_modification_feature.modified_residue_id 
_pdbx_modification_feature.ref_pcm_id 
_pdbx_modification_feature.ref_comp_id 
_pdbx_modification_feature.type 
_pdbx_modification_feature.category 
1 PCA A 1  ? .   . .  . PCA A 1  ? 1_555 .   . .  . .     .  .  GLN 1 PCA 'Pyrrolidone carboxylic acid' 
'Named protein modification' 
2 CYS A 7  ? CYS A 57 ? CYS A 7  ? 1_555 CYS A 57 ? 1_555 SG SG .   . .   None                          'Disulfide bridge' 
3 CYS A 16 ? CYS A 40 ? CYS A 16 ? 1_555 CYS A 40 ? 1_555 SG SG .   . .   None                          'Disulfide bridge' 
4 CYS A 32 ? CYS A 53 ? CYS A 32 ? 1_555 CYS A 53 ? 1_555 SG SG .   . .   None                          'Disulfide bridge' 
# 
_struct_sheet.id               S1 
_struct_sheet.type             ? 
_struct_sheet.number_strands   2 
_struct_sheet.details          ? 
# 
_struct_sheet_order.sheet_id     S1 
_struct_sheet_order.range_id_1   1 
_struct_sheet_order.range_id_2   2 
_struct_sheet_order.offset       ? 
_struct_sheet_order.sense        anti-parallel 
# 
loop_
_struct_sheet_range.sheet_id 
_struct_sheet_range.id 
_struct_sheet_range.beg_label_comp_id 
_struct_sheet_range.beg_label_asym_id 
_struct_sheet_range.beg_label_seq_id 
_struct_sheet_range.pdbx_beg_PDB_ins_code 
_struct_sheet_range.end_label_comp_id 
_struct_sheet_range.end_label_asym_id 
_struct_sheet_range.end_label_seq_id 
_struct_sheet_range.pdbx_end_PDB_ins_code 
_struct_sheet_range.beg_auth_comp_id 
_struct_sheet_range.beg_auth_asym_id 
_struct_sheet_range.beg_auth_seq_id 
_struct_sheet_range.end_auth_comp_id 
_struct_sheet_range.end_auth_asym_id 
_struct_sheet_range.end_auth_seq_id 
S1 1 LYS A 19 ? GLN A 27 ? LYS A 19 GLN A 27 
S1 2 GLN A 31 ? SER A 38 ? GLN A 31 SER A 38 
# 
loop_
_struct_site.id 
_struct_site.pdbx_evidence_code 
_struct_site.pdbx_auth_asym_id 
_struct_site.pdbx_auth_comp_id 
_struct_site.pdbx_auth_seq_id 
_struct_site.pdbx_auth_ins_code 
_struct_site.pdbx_num_residues 
_struct_site.details 
AC1 Software A SO4 60 ? 6 'BINDING SITE FOR RESIDUE SO4 A 60' 
AC2 Software A SO4 61 ? 6 'BINDING SITE FOR RESIDUE SO4 A 61' 
AC3 Software A SO4 62 ? 5 'BINDING SITE FOR RESIDUE SO4 A 62' 
AC4 Software A SO4 63 ? 5 'BINDING SITE FOR RESIDUE SO4 A 63' 
AC5 Software A SO4 64 ? 5 'BINDING SITE FOR RESIDUE SO4 A 64' 
# 
loop_
_struct_site_gen.id 
_struct_site_gen.site_id 
_struct_site_gen.pdbx_num_res 
_struct_site_gen.label_comp_id 
_struct_site_gen.label_asym_id 
_struct_site_gen.label_seq_id 
_struct_site_gen.pdbx_auth_ins_code 
_struct_site_gen.auth_comp_id 
_struct_site_gen.auth_asym_id 
_struct_site_gen.auth_seq_id 
_struct_site_gen.label_atom_id 
_struct_site_gen.label_alt_id 
_struct_site_gen.symmetry 
_struct_site_gen.details 
1  AC1 6 ARG A 3  ? ARG A 3  . ? 3_555 ? 
2  AC1 6 ARG A 4  ? ARG A 4  . ? 3_555 ? 
3  AC1 6 ARG A 15 ? ARG A 15 . ? 1_555 ? 
4  AC1 6 CYS A 40 ? CYS A 40 . ? 1_555 ? 
5  AC1 6 GLY A 41 ? GLY A 41 . ? 1_555 ? 
6  AC1 6 HOH G .  ? HOH A 84 . ? 3_555 ? 
7  AC2 6 ASN A 12 ? ASN A 12 . ? 1_555 ? 
8  AC2 6 GLY A 14 ? GLY A 14 . ? 1_555 ? 
9  AC2 6 ARG A 15 ? ARG A 15 . ? 1_555 ? 
10 AC2 6 GLY A 41 ? GLY A 41 . ? 1_555 ? 
11 AC2 6 GLY A 42 ? GLY A 42 . ? 1_555 ? 
12 AC2 6 HOH G .  ? HOH A 65 . ? 1_555 ? 
13 AC3 5 HIS A 10 ? HIS A 10 . ? 1_556 ? 
14 AC3 5 LYS A 30 ? LYS A 30 . ? 2_555 ? 
15 AC3 5 ILE A 50 ? ILE A 50 . ? 1_555 ? 
16 AC3 5 ARG A 54 ? ARG A 54 . ? 1_555 ? 
17 AC3 5 HOH G .  ? HOH A 72 . ? 1_555 ? 
18 AC4 5 ARG A 4  ? ARG A 4  . ? 1_555 ? 
19 AC4 5 LYS A 5  ? LYS A 5  . ? 1_555 ? 
20 AC4 5 TRP A 37 ? TRP A 37 . ? 3_545 ? 
21 AC4 5 HOH G .  ? HOH A 73 . ? 3_545 ? 
22 AC4 5 HOH G .  ? HOH A 96 . ? 1_555 ? 
23 AC5 5 TYR A 17 ? TYR A 17 . ? 3_545 ? 
24 AC5 5 TRP A 37 ? TRP A 37 . ? 1_555 ? 
25 AC5 5 ARG A 46 ? ARG A 46 . ? 1_555 ? 
26 AC5 5 PHE A 47 ? PHE A 47 . ? 1_555 ? 
27 AC5 5 LYS A 48 ? LYS A 48 . ? 1_555 ? 
# 
_pdbx_entry_details.entry_id                   1DTX 
_pdbx_entry_details.compound_details           ? 
_pdbx_entry_details.source_details             ? 
_pdbx_entry_details.nonpolymer_details         ? 
_pdbx_entry_details.sequence_details           ? 
_pdbx_entry_details.has_ligand_of_interest     ? 
_pdbx_entry_details.has_protein_modification   Y 
# 
loop_
_pdbx_validate_rmsd_angle.id 
_pdbx_validate_rmsd_angle.PDB_model_num 
_pdbx_validate_rmsd_angle.auth_atom_id_1 
_pdbx_validate_rmsd_angle.auth_asym_id_1 
_pdbx_validate_rmsd_angle.auth_comp_id_1 
_pdbx_validate_rmsd_angle.auth_seq_id_1 
_pdbx_validate_rmsd_angle.PDB_ins_code_1 
_pdbx_validate_rmsd_angle.label_alt_id_1 
_pdbx_validate_rmsd_angle.auth_atom_id_2 
_pdbx_validate_rmsd_angle.auth_asym_id_2 
_pdbx_validate_rmsd_angle.auth_comp_id_2 
_pdbx_validate_rmsd_angle.auth_seq_id_2 
_pdbx_validate_rmsd_angle.PDB_ins_code_2 
_pdbx_validate_rmsd_angle.label_alt_id_2 
_pdbx_validate_rmsd_angle.auth_atom_id_3 
_pdbx_validate_rmsd_angle.auth_asym_id_3 
_pdbx_validate_rmsd_angle.auth_comp_id_3 
_pdbx_validate_rmsd_angle.auth_seq_id_3 
_pdbx_validate_rmsd_angle.PDB_ins_code_3 
_pdbx_validate_rmsd_angle.label_alt_id_3 
_pdbx_validate_rmsd_angle.angle_value 
_pdbx_validate_rmsd_angle.angle_target_value 
_pdbx_validate_rmsd_angle.angle_deviation 
_pdbx_validate_rmsd_angle.angle_standard_deviation 
_pdbx_validate_rmsd_angle.linker_flag 
1  1 CD A ARG 3  ? ? NE A ARG 3  ? ? CZ  A ARG 3  ? ? 132.46 123.60 8.86   1.40 N 
2  1 NE A ARG 3  ? ? CZ A ARG 3  ? ? NH1 A ARG 3  ? ? 124.94 120.30 4.64   0.50 N 
3  1 NE A ARG 3  ? ? CZ A ARG 3  ? ? NH2 A ARG 3  ? ? 116.21 120.30 -4.09  0.50 N 
4  1 CD A ARG 11 ? ? NE A ARG 11 ? ? CZ  A ARG 11 ? ? 111.85 123.60 -11.75 1.40 N 
5  1 NE A ARG 15 ? ? CZ A ARG 15 ? ? NH1 A ARG 15 ? ? 117.27 120.30 -3.03  0.50 N 
6  1 NE A ARG 15 ? ? CZ A ARG 15 ? ? NH2 A ARG 15 ? ? 123.49 120.30 3.19   0.50 N 
7  1 CA A GLN 27 ? ? CB A GLN 27 ? ? CG  A GLN 27 ? ? 127.45 113.40 14.05  2.20 N 
8  1 NE A ARG 46 ? ? CZ A ARG 46 ? ? NH2 A ARG 46 ? ? 115.72 120.30 -4.58  0.50 N 
9  1 CG A GLU 51 ? ? CD A GLU 51 ? ? OE1 A GLU 51 ? ? 130.50 118.30 12.20  2.00 N 
10 1 NE A ARG 54 ? ? CZ A ARG 54 ? ? NH2 A ARG 54 ? ? 115.26 120.30 -5.04  0.50 N 
# 
_pdbx_struct_mod_residue.id               1 
_pdbx_struct_mod_residue.label_asym_id    A 
_pdbx_struct_mod_residue.label_comp_id    PCA 
_pdbx_struct_mod_residue.label_seq_id     1 
_pdbx_struct_mod_residue.auth_asym_id     A 
_pdbx_struct_mod_residue.auth_comp_id     PCA 
_pdbx_struct_mod_residue.auth_seq_id      1 
_pdbx_struct_mod_residue.PDB_ins_code     ? 
_pdbx_struct_mod_residue.parent_comp_id   GLN 
_pdbx_struct_mod_residue.details          'PYROGLUTAMIC ACID' 
# 
loop_
_chem_comp_atom.comp_id 
_chem_comp_atom.atom_id 
_chem_comp_atom.type_symbol 
_chem_comp_atom.pdbx_aromatic_flag 
_chem_comp_atom.pdbx_stereo_config 
_chem_comp_atom.pdbx_ordinal 
ALA N    N N N 1   
ALA CA   C N S 2   
ALA C    C N N 3   
ALA O    O N N 4   
ALA CB   C N N 5   
ALA OXT  O N N 6   
ALA H    H N N 7   
ALA H2   H N N 8   
ALA HA   H N N 9   
ALA HB1  H N N 10  
ALA HB2  H N N 11  
ALA HB3  H N N 12  
ALA HXT  H N N 13  
ARG N    N N N 14  
ARG CA   C N S 15  
ARG C    C N N 16  
ARG O    O N N 17  
ARG CB   C N N 18  
ARG CG   C N N 19  
ARG CD   C N N 20  
ARG NE   N N N 21  
ARG CZ   C N N 22  
ARG NH1  N N N 23  
ARG NH2  N N N 24  
ARG OXT  O N N 25  
ARG H    H N N 26  
ARG H2   H N N 27  
ARG HA   H N N 28  
ARG HB2  H N N 29  
ARG HB3  H N N 30  
ARG HG2  H N N 31  
ARG HG3  H N N 32  
ARG HD2  H N N 33  
ARG HD3  H N N 34  
ARG HE   H N N 35  
ARG HH11 H N N 36  
ARG HH12 H N N 37  
ARG HH21 H N N 38  
ARG HH22 H N N 39  
ARG HXT  H N N 40  
ASN N    N N N 41  
ASN CA   C N S 42  
ASN C    C N N 43  
ASN O    O N N 44  
ASN CB   C N N 45  
ASN CG   C N N 46  
ASN OD1  O N N 47  
ASN ND2  N N N 48  
ASN OXT  O N N 49  
ASN H    H N N 50  
ASN H2   H N N 51  
ASN HA   H N N 52  
ASN HB2  H N N 53  
ASN HB3  H N N 54  
ASN HD21 H N N 55  
ASN HD22 H N N 56  
ASN HXT  H N N 57  
ASP N    N N N 58  
ASP CA   C N S 59  
ASP C    C N N 60  
ASP O    O N N 61  
ASP CB   C N N 62  
ASP CG   C N N 63  
ASP OD1  O N N 64  
ASP OD2  O N N 65  
ASP OXT  O N N 66  
ASP H    H N N 67  
ASP H2   H N N 68  
ASP HA   H N N 69  
ASP HB2  H N N 70  
ASP HB3  H N N 71  
ASP HD2  H N N 72  
ASP HXT  H N N 73  
CYS N    N N N 74  
CYS CA   C N R 75  
CYS C    C N N 76  
CYS O    O N N 77  
CYS CB   C N N 78  
CYS SG   S N N 79  
CYS OXT  O N N 80  
CYS H    H N N 81  
CYS H2   H N N 82  
CYS HA   H N N 83  
CYS HB2  H N N 84  
CYS HB3  H N N 85  
CYS HG   H N N 86  
CYS HXT  H N N 87  
GLN N    N N N 88  
GLN CA   C N S 89  
GLN C    C N N 90  
GLN O    O N N 91  
GLN CB   C N N 92  
GLN CG   C N N 93  
GLN CD   C N N 94  
GLN OE1  O N N 95  
GLN NE2  N N N 96  
GLN OXT  O N N 97  
GLN H    H N N 98  
GLN H2   H N N 99  
GLN HA   H N N 100 
GLN HB2  H N N 101 
GLN HB3  H N N 102 
GLN HG2  H N N 103 
GLN HG3  H N N 104 
GLN HE21 H N N 105 
GLN HE22 H N N 106 
GLN HXT  H N N 107 
GLU N    N N N 108 
GLU CA   C N S 109 
GLU C    C N N 110 
GLU O    O N N 111 
GLU CB   C N N 112 
GLU CG   C N N 113 
GLU CD   C N N 114 
GLU OE1  O N N 115 
GLU OE2  O N N 116 
GLU OXT  O N N 117 
GLU H    H N N 118 
GLU H2   H N N 119 
GLU HA   H N N 120 
GLU HB2  H N N 121 
GLU HB3  H N N 122 
GLU HG2  H N N 123 
GLU HG3  H N N 124 
GLU HE2  H N N 125 
GLU HXT  H N N 126 
GLY N    N N N 127 
GLY CA   C N N 128 
GLY C    C N N 129 
GLY O    O N N 130 
GLY OXT  O N N 131 
GLY H    H N N 132 
GLY H2   H N N 133 
GLY HA2  H N N 134 
GLY HA3  H N N 135 
GLY HXT  H N N 136 
HIS N    N N N 137 
HIS CA   C N S 138 
HIS C    C N N 139 
HIS O    O N N 140 
HIS CB   C N N 141 
HIS CG   C Y N 142 
HIS ND1  N Y N 143 
HIS CD2  C Y N 144 
HIS CE1  C Y N 145 
HIS NE2  N Y N 146 
HIS OXT  O N N 147 
HIS H    H N N 148 
HIS H2   H N N 149 
HIS HA   H N N 150 
HIS HB2  H N N 151 
HIS HB3  H N N 152 
HIS HD1  H N N 153 
HIS HD2  H N N 154 
HIS HE1  H N N 155 
HIS HE2  H N N 156 
HIS HXT  H N N 157 
HOH O    O N N 158 
HOH H1   H N N 159 
HOH H2   H N N 160 
ILE N    N N N 161 
ILE CA   C N S 162 
ILE C    C N N 163 
ILE O    O N N 164 
ILE CB   C N S 165 
ILE CG1  C N N 166 
ILE CG2  C N N 167 
ILE CD1  C N N 168 
ILE OXT  O N N 169 
ILE H    H N N 170 
ILE H2   H N N 171 
ILE HA   H N N 172 
ILE HB   H N N 173 
ILE HG12 H N N 174 
ILE HG13 H N N 175 
ILE HG21 H N N 176 
ILE HG22 H N N 177 
ILE HG23 H N N 178 
ILE HD11 H N N 179 
ILE HD12 H N N 180 
ILE HD13 H N N 181 
ILE HXT  H N N 182 
LEU N    N N N 183 
LEU CA   C N S 184 
LEU C    C N N 185 
LEU O    O N N 186 
LEU CB   C N N 187 
LEU CG   C N N 188 
LEU CD1  C N N 189 
LEU CD2  C N N 190 
LEU OXT  O N N 191 
LEU H    H N N 192 
LEU H2   H N N 193 
LEU HA   H N N 194 
LEU HB2  H N N 195 
LEU HB3  H N N 196 
LEU HG   H N N 197 
LEU HD11 H N N 198 
LEU HD12 H N N 199 
LEU HD13 H N N 200 
LEU HD21 H N N 201 
LEU HD22 H N N 202 
LEU HD23 H N N 203 
LEU HXT  H N N 204 
LYS N    N N N 205 
LYS CA   C N S 206 
LYS C    C N N 207 
LYS O    O N N 208 
LYS CB   C N N 209 
LYS CG   C N N 210 
LYS CD   C N N 211 
LYS CE   C N N 212 
LYS NZ   N N N 213 
LYS OXT  O N N 214 
LYS H    H N N 215 
LYS H2   H N N 216 
LYS HA   H N N 217 
LYS HB2  H N N 218 
LYS HB3  H N N 219 
LYS HG2  H N N 220 
LYS HG3  H N N 221 
LYS HD2  H N N 222 
LYS HD3  H N N 223 
LYS HE2  H N N 224 
LYS HE3  H N N 225 
LYS HZ1  H N N 226 
LYS HZ2  H N N 227 
LYS HZ3  H N N 228 
LYS HXT  H N N 229 
PCA N    N N N 230 
PCA CA   C N S 231 
PCA CB   C N N 232 
PCA CG   C N N 233 
PCA CD   C N N 234 
PCA OE   O N N 235 
PCA C    C N N 236 
PCA O    O N N 237 
PCA OXT  O N N 238 
PCA H    H N N 239 
PCA HA   H N N 240 
PCA HB2  H N N 241 
PCA HB3  H N N 242 
PCA HG2  H N N 243 
PCA HG3  H N N 244 
PCA HXT  H N N 245 
PHE N    N N N 246 
PHE CA   C N S 247 
PHE C    C N N 248 
PHE O    O N N 249 
PHE CB   C N N 250 
PHE CG   C Y N 251 
PHE CD1  C Y N 252 
PHE CD2  C Y N 253 
PHE CE1  C Y N 254 
PHE CE2  C Y N 255 
PHE CZ   C Y N 256 
PHE OXT  O N N 257 
PHE H    H N N 258 
PHE H2   H N N 259 
PHE HA   H N N 260 
PHE HB2  H N N 261 
PHE HB3  H N N 262 
PHE HD1  H N N 263 
PHE HD2  H N N 264 
PHE HE1  H N N 265 
PHE HE2  H N N 266 
PHE HZ   H N N 267 
PHE HXT  H N N 268 
PRO N    N N N 269 
PRO CA   C N S 270 
PRO C    C N N 271 
PRO O    O N N 272 
PRO CB   C N N 273 
PRO CG   C N N 274 
PRO CD   C N N 275 
PRO OXT  O N N 276 
PRO H    H N N 277 
PRO HA   H N N 278 
PRO HB2  H N N 279 
PRO HB3  H N N 280 
PRO HG2  H N N 281 
PRO HG3  H N N 282 
PRO HD2  H N N 283 
PRO HD3  H N N 284 
PRO HXT  H N N 285 
SER N    N N N 286 
SER CA   C N S 287 
SER C    C N N 288 
SER O    O N N 289 
SER CB   C N N 290 
SER OG   O N N 291 
SER OXT  O N N 292 
SER H    H N N 293 
SER H2   H N N 294 
SER HA   H N N 295 
SER HB2  H N N 296 
SER HB3  H N N 297 
SER HG   H N N 298 
SER HXT  H N N 299 
SO4 S    S N N 300 
SO4 O1   O N N 301 
SO4 O2   O N N 302 
SO4 O3   O N N 303 
SO4 O4   O N N 304 
THR N    N N N 305 
THR CA   C N S 306 
THR C    C N N 307 
THR O    O N N 308 
THR CB   C N R 309 
THR OG1  O N N 310 
THR CG2  C N N 311 
THR OXT  O N N 312 
THR H    H N N 313 
THR H2   H N N 314 
THR HA   H N N 315 
THR HB   H N N 316 
THR HG1  H N N 317 
THR HG21 H N N 318 
THR HG22 H N N 319 
THR HG23 H N N 320 
THR HXT  H N N 321 
TRP N    N N N 322 
TRP CA   C N S 323 
TRP C    C N N 324 
TRP O    O N N 325 
TRP CB   C N N 326 
TRP CG   C Y N 327 
TRP CD1  C Y N 328 
TRP CD2  C Y N 329 
TRP NE1  N Y N 330 
TRP CE2  C Y N 331 
TRP CE3  C Y N 332 
TRP CZ2  C Y N 333 
TRP CZ3  C Y N 334 
TRP CH2  C Y N 335 
TRP OXT  O N N 336 
TRP H    H N N 337 
TRP H2   H N N 338 
TRP HA   H N N 339 
TRP HB2  H N N 340 
TRP HB3  H N N 341 
TRP HD1  H N N 342 
TRP HE1  H N N 343 
TRP HE3  H N N 344 
TRP HZ2  H N N 345 
TRP HZ3  H N N 346 
TRP HH2  H N N 347 
TRP HXT  H N N 348 
TYR N    N N N 349 
TYR CA   C N S 350 
TYR C    C N N 351 
TYR O    O N N 352 
TYR CB   C N N 353 
TYR CG   C Y N 354 
TYR CD1  C Y N 355 
TYR CD2  C Y N 356 
TYR CE1  C Y N 357 
TYR CE2  C Y N 358 
TYR CZ   C Y N 359 
TYR OH   O N N 360 
TYR OXT  O N N 361 
TYR H    H N N 362 
TYR H2   H N N 363 
TYR HA   H N N 364 
TYR HB2  H N N 365 
TYR HB3  H N N 366 
TYR HD1  H N N 367 
TYR HD2  H N N 368 
TYR HE1  H N N 369 
TYR HE2  H N N 370 
TYR HH   H N N 371 
TYR HXT  H N N 372 
# 
loop_
_chem_comp_bond.comp_id 
_chem_comp_bond.atom_id_1 
_chem_comp_bond.atom_id_2 
_chem_comp_bond.value_order 
_chem_comp_bond.pdbx_aromatic_flag 
_chem_comp_bond.pdbx_stereo_config 
_chem_comp_bond.pdbx_ordinal 
ALA N   CA   sing N N 1   
ALA N   H    sing N N 2   
ALA N   H2   sing N N 3   
ALA CA  C    sing N N 4   
ALA CA  CB   sing N N 5   
ALA CA  HA   sing N N 6   
ALA C   O    doub N N 7   
ALA C   OXT  sing N N 8   
ALA CB  HB1  sing N N 9   
ALA CB  HB2  sing N N 10  
ALA CB  HB3  sing N N 11  
ALA OXT HXT  sing N N 12  
ARG N   CA   sing N N 13  
ARG N   H    sing N N 14  
ARG N   H2   sing N N 15  
ARG CA  C    sing N N 16  
ARG CA  CB   sing N N 17  
ARG CA  HA   sing N N 18  
ARG C   O    doub N N 19  
ARG C   OXT  sing N N 20  
ARG CB  CG   sing N N 21  
ARG CB  HB2  sing N N 22  
ARG CB  HB3  sing N N 23  
ARG CG  CD   sing N N 24  
ARG CG  HG2  sing N N 25  
ARG CG  HG3  sing N N 26  
ARG CD  NE   sing N N 27  
ARG CD  HD2  sing N N 28  
ARG CD  HD3  sing N N 29  
ARG NE  CZ   sing N N 30  
ARG NE  HE   sing N N 31  
ARG CZ  NH1  sing N N 32  
ARG CZ  NH2  doub N N 33  
ARG NH1 HH11 sing N N 34  
ARG NH1 HH12 sing N N 35  
ARG NH2 HH21 sing N N 36  
ARG NH2 HH22 sing N N 37  
ARG OXT HXT  sing N N 38  
ASN N   CA   sing N N 39  
ASN N   H    sing N N 40  
ASN N   H2   sing N N 41  
ASN CA  C    sing N N 42  
ASN CA  CB   sing N N 43  
ASN CA  HA   sing N N 44  
ASN C   O    doub N N 45  
ASN C   OXT  sing N N 46  
ASN CB  CG   sing N N 47  
ASN CB  HB2  sing N N 48  
ASN CB  HB3  sing N N 49  
ASN CG  OD1  doub N N 50  
ASN CG  ND2  sing N N 51  
ASN ND2 HD21 sing N N 52  
ASN ND2 HD22 sing N N 53  
ASN OXT HXT  sing N N 54  
ASP N   CA   sing N N 55  
ASP N   H    sing N N 56  
ASP N   H2   sing N N 57  
ASP CA  C    sing N N 58  
ASP CA  CB   sing N N 59  
ASP CA  HA   sing N N 60  
ASP C   O    doub N N 61  
ASP C   OXT  sing N N 62  
ASP CB  CG   sing N N 63  
ASP CB  HB2  sing N N 64  
ASP CB  HB3  sing N N 65  
ASP CG  OD1  doub N N 66  
ASP CG  OD2  sing N N 67  
ASP OD2 HD2  sing N N 68  
ASP OXT HXT  sing N N 69  
CYS N   CA   sing N N 70  
CYS N   H    sing N N 71  
CYS N   H2   sing N N 72  
CYS CA  C    sing N N 73  
CYS CA  CB   sing N N 74  
CYS CA  HA   sing N N 75  
CYS C   O    doub N N 76  
CYS C   OXT  sing N N 77  
CYS CB  SG   sing N N 78  
CYS CB  HB2  sing N N 79  
CYS CB  HB3  sing N N 80  
CYS SG  HG   sing N N 81  
CYS OXT HXT  sing N N 82  
GLN N   CA   sing N N 83  
GLN N   H    sing N N 84  
GLN N   H2   sing N N 85  
GLN CA  C    sing N N 86  
GLN CA  CB   sing N N 87  
GLN CA  HA   sing N N 88  
GLN C   O    doub N N 89  
GLN C   OXT  sing N N 90  
GLN CB  CG   sing N N 91  
GLN CB  HB2  sing N N 92  
GLN CB  HB3  sing N N 93  
GLN CG  CD   sing N N 94  
GLN CG  HG2  sing N N 95  
GLN CG  HG3  sing N N 96  
GLN CD  OE1  doub N N 97  
GLN CD  NE2  sing N N 98  
GLN NE2 HE21 sing N N 99  
GLN NE2 HE22 sing N N 100 
GLN OXT HXT  sing N N 101 
GLU N   CA   sing N N 102 
GLU N   H    sing N N 103 
GLU N   H2   sing N N 104 
GLU CA  C    sing N N 105 
GLU CA  CB   sing N N 106 
GLU CA  HA   sing N N 107 
GLU C   O    doub N N 108 
GLU C   OXT  sing N N 109 
GLU CB  CG   sing N N 110 
GLU CB  HB2  sing N N 111 
GLU CB  HB3  sing N N 112 
GLU CG  CD   sing N N 113 
GLU CG  HG2  sing N N 114 
GLU CG  HG3  sing N N 115 
GLU CD  OE1  doub N N 116 
GLU CD  OE2  sing N N 117 
GLU OE2 HE2  sing N N 118 
GLU OXT HXT  sing N N 119 
GLY N   CA   sing N N 120 
GLY N   H    sing N N 121 
GLY N   H2   sing N N 122 
GLY CA  C    sing N N 123 
GLY CA  HA2  sing N N 124 
GLY CA  HA3  sing N N 125 
GLY C   O    doub N N 126 
GLY C   OXT  sing N N 127 
GLY OXT HXT  sing N N 128 
HIS N   CA   sing N N 129 
HIS N   H    sing N N 130 
HIS N   H2   sing N N 131 
HIS CA  C    sing N N 132 
HIS CA  CB   sing N N 133 
HIS CA  HA   sing N N 134 
HIS C   O    doub N N 135 
HIS C   OXT  sing N N 136 
HIS CB  CG   sing N N 137 
HIS CB  HB2  sing N N 138 
HIS CB  HB3  sing N N 139 
HIS CG  ND1  sing Y N 140 
HIS CG  CD2  doub Y N 141 
HIS ND1 CE1  doub Y N 142 
HIS ND1 HD1  sing N N 143 
HIS CD2 NE2  sing Y N 144 
HIS CD2 HD2  sing N N 145 
HIS CE1 NE2  sing Y N 146 
HIS CE1 HE1  sing N N 147 
HIS NE2 HE2  sing N N 148 
HIS OXT HXT  sing N N 149 
HOH O   H1   sing N N 150 
HOH O   H2   sing N N 151 
ILE N   CA   sing N N 152 
ILE N   H    sing N N 153 
ILE N   H2   sing N N 154 
ILE CA  C    sing N N 155 
ILE CA  CB   sing N N 156 
ILE CA  HA   sing N N 157 
ILE C   O    doub N N 158 
ILE C   OXT  sing N N 159 
ILE CB  CG1  sing N N 160 
ILE CB  CG2  sing N N 161 
ILE CB  HB   sing N N 162 
ILE CG1 CD1  sing N N 163 
ILE CG1 HG12 sing N N 164 
ILE CG1 HG13 sing N N 165 
ILE CG2 HG21 sing N N 166 
ILE CG2 HG22 sing N N 167 
ILE CG2 HG23 sing N N 168 
ILE CD1 HD11 sing N N 169 
ILE CD1 HD12 sing N N 170 
ILE CD1 HD13 sing N N 171 
ILE OXT HXT  sing N N 172 
LEU N   CA   sing N N 173 
LEU N   H    sing N N 174 
LEU N   H2   sing N N 175 
LEU CA  C    sing N N 176 
LEU CA  CB   sing N N 177 
LEU CA  HA   sing N N 178 
LEU C   O    doub N N 179 
LEU C   OXT  sing N N 180 
LEU CB  CG   sing N N 181 
LEU CB  HB2  sing N N 182 
LEU CB  HB3  sing N N 183 
LEU CG  CD1  sing N N 184 
LEU CG  CD2  sing N N 185 
LEU CG  HG   sing N N 186 
LEU CD1 HD11 sing N N 187 
LEU CD1 HD12 sing N N 188 
LEU CD1 HD13 sing N N 189 
LEU CD2 HD21 sing N N 190 
LEU CD2 HD22 sing N N 191 
LEU CD2 HD23 sing N N 192 
LEU OXT HXT  sing N N 193 
LYS N   CA   sing N N 194 
LYS N   H    sing N N 195 
LYS N   H2   sing N N 196 
LYS CA  C    sing N N 197 
LYS CA  CB   sing N N 198 
LYS CA  HA   sing N N 199 
LYS C   O    doub N N 200 
LYS C   OXT  sing N N 201 
LYS CB  CG   sing N N 202 
LYS CB  HB2  sing N N 203 
LYS CB  HB3  sing N N 204 
LYS CG  CD   sing N N 205 
LYS CG  HG2  sing N N 206 
LYS CG  HG3  sing N N 207 
LYS CD  CE   sing N N 208 
LYS CD  HD2  sing N N 209 
LYS CD  HD3  sing N N 210 
LYS CE  NZ   sing N N 211 
LYS CE  HE2  sing N N 212 
LYS CE  HE3  sing N N 213 
LYS NZ  HZ1  sing N N 214 
LYS NZ  HZ2  sing N N 215 
LYS NZ  HZ3  sing N N 216 
LYS OXT HXT  sing N N 217 
PCA N   CA   sing N N 218 
PCA N   CD   sing N N 219 
PCA N   H    sing N N 220 
PCA CA  CB   sing N N 221 
PCA CA  C    sing N N 222 
PCA CA  HA   sing N N 223 
PCA CB  CG   sing N N 224 
PCA CB  HB2  sing N N 225 
PCA CB  HB3  sing N N 226 
PCA CG  CD   sing N N 227 
PCA CG  HG2  sing N N 228 
PCA CG  HG3  sing N N 229 
PCA CD  OE   doub N N 230 
PCA C   O    doub N N 231 
PCA C   OXT  sing N N 232 
PCA OXT HXT  sing N N 233 
PHE N   CA   sing N N 234 
PHE N   H    sing N N 235 
PHE N   H2   sing N N 236 
PHE CA  C    sing N N 237 
PHE CA  CB   sing N N 238 
PHE CA  HA   sing N N 239 
PHE C   O    doub N N 240 
PHE C   OXT  sing N N 241 
PHE CB  CG   sing N N 242 
PHE CB  HB2  sing N N 243 
PHE CB  HB3  sing N N 244 
PHE CG  CD1  doub Y N 245 
PHE CG  CD2  sing Y N 246 
PHE CD1 CE1  sing Y N 247 
PHE CD1 HD1  sing N N 248 
PHE CD2 CE2  doub Y N 249 
PHE CD2 HD2  sing N N 250 
PHE CE1 CZ   doub Y N 251 
PHE CE1 HE1  sing N N 252 
PHE CE2 CZ   sing Y N 253 
PHE CE2 HE2  sing N N 254 
PHE CZ  HZ   sing N N 255 
PHE OXT HXT  sing N N 256 
PRO N   CA   sing N N 257 
PRO N   CD   sing N N 258 
PRO N   H    sing N N 259 
PRO CA  C    sing N N 260 
PRO CA  CB   sing N N 261 
PRO CA  HA   sing N N 262 
PRO C   O    doub N N 263 
PRO C   OXT  sing N N 264 
PRO CB  CG   sing N N 265 
PRO CB  HB2  sing N N 266 
PRO CB  HB3  sing N N 267 
PRO CG  CD   sing N N 268 
PRO CG  HG2  sing N N 269 
PRO CG  HG3  sing N N 270 
PRO CD  HD2  sing N N 271 
PRO CD  HD3  sing N N 272 
PRO OXT HXT  sing N N 273 
SER N   CA   sing N N 274 
SER N   H    sing N N 275 
SER N   H2   sing N N 276 
SER CA  C    sing N N 277 
SER CA  CB   sing N N 278 
SER CA  HA   sing N N 279 
SER C   O    doub N N 280 
SER C   OXT  sing N N 281 
SER CB  OG   sing N N 282 
SER CB  HB2  sing N N 283 
SER CB  HB3  sing N N 284 
SER OG  HG   sing N N 285 
SER OXT HXT  sing N N 286 
SO4 S   O1   doub N N 287 
SO4 S   O2   doub N N 288 
SO4 S   O3   sing N N 289 
SO4 S   O4   sing N N 290 
THR N   CA   sing N N 291 
THR N   H    sing N N 292 
THR N   H2   sing N N 293 
THR CA  C    sing N N 294 
THR CA  CB   sing N N 295 
THR CA  HA   sing N N 296 
THR C   O    doub N N 297 
THR C   OXT  sing N N 298 
THR CB  OG1  sing N N 299 
THR CB  CG2  sing N N 300 
THR CB  HB   sing N N 301 
THR OG1 HG1  sing N N 302 
THR CG2 HG21 sing N N 303 
THR CG2 HG22 sing N N 304 
THR CG2 HG23 sing N N 305 
THR OXT HXT  sing N N 306 
TRP N   CA   sing N N 307 
TRP N   H    sing N N 308 
TRP N   H2   sing N N 309 
TRP CA  C    sing N N 310 
TRP CA  CB   sing N N 311 
TRP CA  HA   sing N N 312 
TRP C   O    doub N N 313 
TRP C   OXT  sing N N 314 
TRP CB  CG   sing N N 315 
TRP CB  HB2  sing N N 316 
TRP CB  HB3  sing N N 317 
TRP CG  CD1  doub Y N 318 
TRP CG  CD2  sing Y N 319 
TRP CD1 NE1  sing Y N 320 
TRP CD1 HD1  sing N N 321 
TRP CD2 CE2  doub Y N 322 
TRP CD2 CE3  sing Y N 323 
TRP NE1 CE2  sing Y N 324 
TRP NE1 HE1  sing N N 325 
TRP CE2 CZ2  sing Y N 326 
TRP CE3 CZ3  doub Y N 327 
TRP CE3 HE3  sing N N 328 
TRP CZ2 CH2  doub Y N 329 
TRP CZ2 HZ2  sing N N 330 
TRP CZ3 CH2  sing Y N 331 
TRP CZ3 HZ3  sing N N 332 
TRP CH2 HH2  sing N N 333 
TRP OXT HXT  sing N N 334 
TYR N   CA   sing N N 335 
TYR N   H    sing N N 336 
TYR N   H2   sing N N 337 
TYR CA  C    sing N N 338 
TYR CA  CB   sing N N 339 
TYR CA  HA   sing N N 340 
TYR C   O    doub N N 341 
TYR C   OXT  sing N N 342 
TYR CB  CG   sing N N 343 
TYR CB  HB2  sing N N 344 
TYR CB  HB3  sing N N 345 
TYR CG  CD1  doub Y N 346 
TYR CG  CD2  sing Y N 347 
TYR CD1 CE1  sing Y N 348 
TYR CD1 HD1  sing N N 349 
TYR CD2 CE2  doub Y N 350 
TYR CD2 HD2  sing N N 351 
TYR CE1 CZ   doub Y N 352 
TYR CE1 HE1  sing N N 353 
TYR CE2 CZ   sing Y N 354 
TYR CE2 HE2  sing N N 355 
TYR CZ  OH   sing N N 356 
TYR OH  HH   sing N N 357 
TYR OXT HXT  sing N N 358 
# 
_atom_sites.entry_id                    1DTX 
_atom_sites.fract_transf_matrix[1][1]   0.01279539 
_atom_sites.fract_transf_matrix[1][2]   0.00401529 
_atom_sites.fract_transf_matrix[1][3]   -0.00226176 
_atom_sites.fract_transf_matrix[2][1]   0.00838116 
_atom_sites.fract_transf_matrix[2][2]   -0.01703174 
_atom_sites.fract_transf_matrix[2][3]   0.01717810 
_atom_sites.fract_transf_matrix[3][1]   0.00377825 
_atom_sites.fract_transf_matrix[3][2]   -0.02962192 
_atom_sites.fract_transf_matrix[3][3]   -0.03121294 
_atom_sites.fract_transf_vector[1]      0.105548 
_atom_sites.fract_transf_vector[2]      0.178564 
_atom_sites.fract_transf_vector[3]      0.433422 
# 
loop_
_atom_type.symbol 
C 
N 
O 
S 
# 
loop_
_atom_site.group_PDB 
_atom_site.id 
_atom_site.type_symbol 
_atom_site.label_atom_id 
_atom_site.label_alt_id 
_atom_site.label_comp_id 
_atom_site.label_asym_id 
_atom_site.label_entity_id 
_atom_site.label_seq_id 
_atom_site.pdbx_PDB_ins_code 
_atom_site.Cartn_x 
_atom_site.Cartn_y 
_atom_site.Cartn_z 
_atom_site.occupancy 
_atom_site.B_iso_or_equiv 
_atom_site.pdbx_formal_charge 
_atom_site.auth_seq_id 
_atom_site.auth_comp_id 
_atom_site.auth_asym_id 
_atom_site.auth_atom_id 
_atom_site.pdbx_PDB_model_num 
HETATM 1   N N   . PCA A 1 1  ? 3.076   13.301  -9.774  1.00 35.23 ? 1   PCA A N   1 
HETATM 2   C CA  . PCA A 1 1  ? 3.555   11.971  -9.230  1.00 35.13 ? 1   PCA A CA  1 
HETATM 3   C C   . PCA A 1 1  ? 2.502   10.879  -9.401  1.00 33.49 ? 1   PCA A C   1 
HETATM 4   O O   . PCA A 1 1  ? 2.027   10.636  -10.551 1.00 35.33 ? 1   PCA A O   1 
ATOM   5   N N   . PRO A 1 2  ? 2.226   10.153  -8.309  1.00 30.05 ? 2   PRO A N   1 
ATOM   6   C CA  . PRO A 1 2  ? 1.213   9.073   -8.333  1.00 26.63 ? 2   PRO A CA  1 
ATOM   7   C C   . PRO A 1 2  ? -0.126  9.774   -8.583  1.00 24.15 ? 2   PRO A C   1 
ATOM   8   O O   . PRO A 1 2  ? -0.195  10.990  -8.387  1.00 22.83 ? 2   PRO A O   1 
ATOM   9   C CB  . PRO A 1 2  ? 1.285   8.416   -6.992  1.00 26.18 ? 2   PRO A CB  1 
ATOM   10  C CG  . PRO A 1 2  ? 1.897   9.432   -6.083  1.00 28.07 ? 2   PRO A CG  1 
ATOM   11  C CD  . PRO A 1 2  ? 2.768   10.338  -6.955  1.00 29.12 ? 2   PRO A CD  1 
ATOM   12  N N   . ARG A 1 3  ? -1.096  8.998   -9.055  1.00 21.86 ? 3   ARG A N   1 
ATOM   13  C CA  . ARG A 1 3  ? -2.391  9.481   -9.405  1.00 19.82 ? 3   ARG A CA  1 
ATOM   14  C C   . ARG A 1 3  ? -3.194  9.956   -8.219  1.00 20.00 ? 3   ARG A C   1 
ATOM   15  O O   . ARG A 1 3  ? -4.089  10.859  -8.439  1.00 21.30 ? 3   ARG A O   1 
ATOM   16  C CB  . ARG A 1 3  ? -3.216  8.468   -10.205 1.00 16.33 ? 3   ARG A CB  1 
ATOM   17  C CG  . ARG A 1 3  ? -2.589  8.025   -11.475 1.00 14.60 ? 3   ARG A CG  1 
ATOM   18  C CD  . ARG A 1 3  ? -3.310  6.745   -11.890 1.00 18.37 ? 3   ARG A CD  1 
ATOM   19  N NE  . ARG A 1 3  ? -4.618  7.002   -12.400 1.00 19.44 ? 3   ARG A NE  1 
ATOM   20  C CZ  . ARG A 1 3  ? -5.814  6.848   -11.888 1.00 20.23 ? 3   ARG A CZ  1 
ATOM   21  N NH1 . ARG A 1 3  ? -6.065  6.407   -10.657 1.00 19.71 ? 3   ARG A NH1 1 
ATOM   22  N NH2 . ARG A 1 3  ? -6.857  7.267   -12.658 1.00 19.55 ? 3   ARG A NH2 1 
ATOM   23  N N   . ARG A 1 4  ? -3.035  9.368   -7.058  1.00 17.69 ? 4   ARG A N   1 
ATOM   24  C CA  . ARG A 1 4  ? -3.865  9.798   -5.910  1.00 17.21 ? 4   ARG A CA  1 
ATOM   25  C C   . ARG A 1 4  ? -2.946  10.193  -4.769  1.00 16.65 ? 4   ARG A C   1 
ATOM   26  O O   . ARG A 1 4  ? -1.869  9.643   -4.651  1.00 15.60 ? 4   ARG A O   1 
ATOM   27  C CB  . ARG A 1 4  ? -4.774  8.633   -5.405  1.00 17.74 ? 4   ARG A CB  1 
ATOM   28  C CG  . ARG A 1 4  ? -5.774  8.221   -6.455  1.00 20.58 ? 4   ARG A CG  1 
ATOM   29  C CD  . ARG A 1 4  ? -6.657  9.397   -6.767  1.00 24.28 ? 4   ARG A CD  1 
ATOM   30  N NE  . ARG A 1 4  ? -7.830  8.975   -7.483  1.00 33.13 ? 4   ARG A NE  1 
ATOM   31  C CZ  . ARG A 1 4  ? -8.196  9.423   -8.672  1.00 39.41 ? 4   ARG A CZ  1 
ATOM   32  N NH1 . ARG A 1 4  ? -7.493  10.339  -9.352  1.00 42.96 ? 4   ARG A NH1 1 
ATOM   33  N NH2 . ARG A 1 4  ? -9.330  8.959   -9.203  1.00 43.48 ? 4   ARG A NH2 1 
ATOM   34  N N   . LYS A 1 5  ? -3.530  10.963  -3.858  1.00 16.69 ? 5   LYS A N   1 
ATOM   35  C CA  . LYS A 1 5  ? -2.758  11.432  -2.693  1.00 16.66 ? 5   LYS A CA  1 
ATOM   36  C C   . LYS A 1 5  ? -2.520  10.325  -1.665  1.00 13.65 ? 5   LYS A C   1 
ATOM   37  O O   . LYS A 1 5  ? -1.548  10.331  -0.912  1.00 14.14 ? 5   LYS A O   1 
ATOM   38  C CB  . LYS A 1 5  ? -3.401  12.666  -2.097  1.00 19.69 ? 5   LYS A CB  1 
ATOM   39  C CG  . LYS A 1 5  ? -3.539  13.904  -2.944  1.00 21.44 ? 5   LYS A CG  1 
ATOM   40  C CD  . LYS A 1 5  ? -3.885  15.078  -2.000  1.00 25.85 ? 5   LYS A CD  1 
ATOM   41  C CE  . LYS A 1 5  ? -4.981  15.957  -2.490  1.00 32.43 ? 5   LYS A CE  1 
ATOM   42  N NZ  . LYS A 1 5  ? -4.435  17.222  -3.160  1.00 35.38 ? 5   LYS A NZ  1 
ATOM   43  N N   . LEU A 1 6  ? -3.369  9.317   -1.601  1.00 11.91 ? 6   LEU A N   1 
ATOM   44  C CA  . LEU A 1 6  ? -3.169  8.178   -0.687  1.00 10.19 ? 6   LEU A CA  1 
ATOM   45  C C   . LEU A 1 6  ? -1.903  7.427   -1.037  1.00 7.92  ? 6   LEU A C   1 
ATOM   46  O O   . LEU A 1 6  ? -1.387  6.695   -0.242  1.00 8.62  ? 6   LEU A O   1 
ATOM   47  C CB  . LEU A 1 6  ? -4.433  7.377   -0.596  1.00 12.85 ? 6   LEU A CB  1 
ATOM   48  C CG  . LEU A 1 6  ? -5.133  6.767   -1.814  1.00 15.67 ? 6   LEU A CG  1 
ATOM   49  C CD1 . LEU A 1 6  ? -4.292  5.558   -2.316  1.00 17.65 ? 6   LEU A CD1 1 
ATOM   50  C CD2 . LEU A 1 6  ? -6.473  6.199   -1.324  1.00 11.06 ? 6   LEU A CD2 1 
ATOM   51  N N   . CYS A 1 7  ? -1.419  7.484   -2.229  1.00 8.13  ? 7   CYS A N   1 
ATOM   52  C CA  . CYS A 1 7  ? -0.249  6.815   -2.750  1.00 7.74  ? 7   CYS A CA  1 
ATOM   53  C C   . CYS A 1 7  ? 1.037   7.299   -2.130  1.00 9.09  ? 7   CYS A C   1 
ATOM   54  O O   . CYS A 1 7  ? 2.065   6.596   -2.184  1.00 10.13 ? 7   CYS A O   1 
ATOM   55  C CB  . CYS A 1 7  ? -0.187  7.133   -4.295  1.00 7.11  ? 7   CYS A CB  1 
ATOM   56  S SG  . CYS A 1 7  ? -1.580  6.381   -5.160  1.00 14.78 ? 7   CYS A SG  1 
ATOM   57  N N   . ILE A 1 8  ? 1.050   8.515   -1.603  1.00 8.88  ? 8   ILE A N   1 
ATOM   58  C CA  . ILE A 1 8  ? 2.230   9.056   -0.935  1.00 10.69 ? 8   ILE A CA  1 
ATOM   59  C C   . ILE A 1 8  ? 2.353   8.656   0.502   1.00 10.32 ? 8   ILE A C   1 
ATOM   60  O O   . ILE A 1 8  ? 3.398   8.909   1.154   1.00 10.65 ? 8   ILE A O   1 
ATOM   61  C CB  . ILE A 1 8  ? 2.349   10.617  -1.133  1.00 14.97 ? 8   ILE A CB  1 
ATOM   62  C CG1 . ILE A 1 8  ? 1.398   11.397  -0.179  1.00 11.78 ? 8   ILE A CG1 1 
ATOM   63  C CG2 . ILE A 1 8  ? 2.179   11.089  -2.591  1.00 19.39 ? 8   ILE A CG2 1 
ATOM   64  C CD1 . ILE A 1 8  ? 1.908   12.839  -0.088  1.00 11.33 ? 8   ILE A CD1 1 
ATOM   65  N N   . LEU A 1 9  ? 1.314   8.104   1.105   1.00 10.93 ? 9   LEU A N   1 
ATOM   66  C CA  . LEU A 1 9  ? 1.406   7.748   2.516   1.00 12.74 ? 9   LEU A CA  1 
ATOM   67  C C   . LEU A 1 9  ? 2.486   6.703   2.719   1.00 16.40 ? 9   LEU A C   1 
ATOM   68  O O   . LEU A 1 9  ? 2.702   5.848   1.839   1.00 16.91 ? 9   LEU A O   1 
ATOM   69  C CB  . LEU A 1 9  ? 0.054   7.449   3.061   1.00 12.92 ? 9   LEU A CB  1 
ATOM   70  C CG  . LEU A 1 9  ? -1.016  8.522   2.911   1.00 12.95 ? 9   LEU A CG  1 
ATOM   71  C CD1 . LEU A 1 9  ? -2.401  7.955   3.221   1.00 13.79 ? 9   LEU A CD1 1 
ATOM   72  C CD2 . LEU A 1 9  ? -0.652  9.755   3.684   1.00 11.19 ? 9   LEU A CD2 1 
ATOM   73  N N   . HIS A 1 10 ? 3.166   6.863   3.873   1.00 16.91 ? 10  HIS A N   1 
ATOM   74  C CA  . HIS A 1 10 ? 4.198   5.952   4.320   1.00 18.35 ? 10  HIS A CA  1 
ATOM   75  C C   . HIS A 1 10 ? 3.522   4.623   4.644   1.00 18.12 ? 10  HIS A C   1 
ATOM   76  O O   . HIS A 1 10 ? 2.397   4.558   5.243   1.00 18.78 ? 10  HIS A O   1 
ATOM   77  C CB  . HIS A 1 10 ? 5.025   6.401   5.577   1.00 28.03 ? 10  HIS A CB  1 
ATOM   78  C CG  . HIS A 1 10 ? 6.293   5.588   5.753   1.00 39.51 ? 10  HIS A CG  1 
ATOM   79  N ND1 . HIS A 1 10 ? 6.366   4.384   6.444   1.00 44.43 ? 10  HIS A ND1 1 
ATOM   80  C CD2 . HIS A 1 10 ? 7.592   5.796   5.338   1.00 41.37 ? 10  HIS A CD2 1 
ATOM   81  C CE1 . HIS A 1 10 ? 7.606   3.893   6.365   1.00 42.63 ? 10  HIS A CE1 1 
ATOM   82  N NE2 . HIS A 1 10 ? 8.363   4.741   5.716   1.00 37.39 ? 10  HIS A NE2 1 
ATOM   83  N N   . ARG A 1 11 ? 4.172   3.577   4.246   1.00 15.59 ? 11  ARG A N   1 
ATOM   84  C CA  . ARG A 1 11 ? 3.653   2.217   4.503   1.00 16.08 ? 11  ARG A CA  1 
ATOM   85  C C   . ARG A 1 11 ? 3.395   1.984   5.999   1.00 14.17 ? 11  ARG A C   1 
ATOM   86  O O   . ARG A 1 11 ? 4.367   2.139   6.748   1.00 14.18 ? 11  ARG A O   1 
ATOM   87  C CB  . ARG A 1 11 ? 4.964   1.326   4.194   1.00 17.61 ? 11  ARG A CB  1 
ATOM   88  C CG  . ARG A 1 11 ? 4.365   -0.087  3.940   1.00 24.06 ? 11  ARG A CG  1 
ATOM   89  C CD  . ARG A 1 11 ? 5.027   -0.975  4.934   1.00 29.44 ? 11  ARG A CD  1 
ATOM   90  N NE  . ARG A 1 11 ? 6.470   -0.496  4.982   1.00 35.46 ? 11  ARG A NE  1 
ATOM   91  C CZ  . ARG A 1 11 ? 7.304   -1.457  5.437   1.00 41.34 ? 11  ARG A CZ  1 
ATOM   92  N NH1 . ARG A 1 11 ? 6.804   -2.661  5.746   1.00 44.23 ? 11  ARG A NH1 1 
ATOM   93  N NH2 . ARG A 1 11 ? 8.592   -1.192  5.542   1.00 46.95 ? 11  ARG A NH2 1 
ATOM   94  N N   . ASN A 1 12 ? 2.304   1.380   6.384   1.00 11.51 ? 12  ASN A N   1 
ATOM   95  C CA  . ASN A 1 12 ? 2.016   1.109   7.785   1.00 13.10 ? 12  ASN A CA  1 
ATOM   96  C C   . ASN A 1 12 ? 1.182   -0.164  7.938   1.00 13.85 ? 12  ASN A C   1 
ATOM   97  O O   . ASN A 1 12 ? 0.058   -0.264  7.458   1.00 13.94 ? 12  ASN A O   1 
ATOM   98  C CB  . ASN A 1 12 ? 1.456   2.349   8.436   1.00 16.23 ? 12  ASN A CB  1 
ATOM   99  C CG  . ASN A 1 12 ? 1.016   2.230   9.864   1.00 15.94 ? 12  ASN A CG  1 
ATOM   100 O OD1 . ASN A 1 12 ? 1.330   1.262   10.577  1.00 15.48 ? 12  ASN A OD1 1 
ATOM   101 N ND2 . ASN A 1 12 ? 0.248   3.211   10.297  1.00 15.81 ? 12  ASN A ND2 1 
ATOM   102 N N   . PRO A 1 13 ? 1.800   -1.139  8.643   1.00 13.25 ? 13  PRO A N   1 
ATOM   103 C CA  . PRO A 1 13 ? 1.165   -2.402  8.946   1.00 12.86 ? 13  PRO A CA  1 
ATOM   104 C C   . PRO A 1 13 ? 0.107   -2.288  9.966   1.00 12.82 ? 13  PRO A C   1 
ATOM   105 O O   . PRO A 1 13 ? -0.680  -3.241  9.977   1.00 16.47 ? 13  PRO A O   1 
ATOM   106 C CB  . PRO A 1 13 ? 2.262   -3.345  9.387   1.00 12.66 ? 13  PRO A CB  1 
ATOM   107 C CG  . PRO A 1 13 ? 3.486   -2.492  9.517   1.00 14.83 ? 13  PRO A CG  1 
ATOM   108 C CD  . PRO A 1 13 ? 3.135   -1.065  9.257   1.00 13.39 ? 13  PRO A CD  1 
ATOM   109 N N   . GLY A 1 14 ? 0.082   -1.283  10.822  1.00 11.75 ? 14  GLY A N   1 
ATOM   110 C CA  . GLY A 1 14 ? -1.027  -1.291  11.859  1.00 12.36 ? 14  GLY A CA  1 
ATOM   111 C C   . GLY A 1 14 ? -0.451  -2.019  13.098  1.00 14.90 ? 14  GLY A C   1 
ATOM   112 O O   . GLY A 1 14 ? 0.697   -2.394  13.134  1.00 13.62 ? 14  GLY A O   1 
ATOM   113 N N   . ARG A 1 15 ? -1.375  -2.283  14.070  1.00 17.09 ? 15  ARG A N   1 
ATOM   114 C CA  . ARG A 1 15 ? -0.890  -2.817  15.363  1.00 18.79 ? 15  ARG A CA  1 
ATOM   115 C C   . ARG A 1 15 ? -1.450  -4.152  15.763  1.00 19.63 ? 15  ARG A C   1 
ATOM   116 O O   . ARG A 1 15 ? -1.318  -4.673  16.952  1.00 21.15 ? 15  ARG A O   1 
ATOM   117 C CB  . ARG A 1 15 ? -1.314  -1.646  16.353  1.00 20.49 ? 15  ARG A CB  1 
ATOM   118 C CG  . ARG A 1 15 ? -2.853  -1.555  16.408  1.00 20.14 ? 15  ARG A CG  1 
ATOM   119 C CD  . ARG A 1 15 ? -3.288  -0.359  17.260  1.00 19.93 ? 15  ARG A CD  1 
ATOM   120 N NE  . ARG A 1 15 ? -4.777  -0.641  17.439  1.00 20.42 ? 15  ARG A NE  1 
ATOM   121 C CZ  . ARG A 1 15 ? -5.630  -0.180  16.514  1.00 19.17 ? 15  ARG A CZ  1 
ATOM   122 N NH1 . ARG A 1 15 ? -5.117  0.558   15.521  1.00 22.08 ? 15  ARG A NH1 1 
ATOM   123 N NH2 . ARG A 1 15 ? -6.939  -0.427  16.532  1.00 12.92 ? 15  ARG A NH2 1 
ATOM   124 N N   . CYS A 1 16 ? -2.094  -4.862  14.853  1.00 17.82 ? 16  CYS A N   1 
ATOM   125 C CA  . CYS A 1 16 ? -2.698  -6.172  15.107  1.00 16.58 ? 16  CYS A CA  1 
ATOM   126 C C   . CYS A 1 16 ? -1.712  -7.310  14.895  1.00 15.29 ? 16  CYS A C   1 
ATOM   127 O O   . CYS A 1 16 ? -0.529  -7.071  14.604  1.00 14.14 ? 16  CYS A O   1 
ATOM   128 C CB  . CYS A 1 16 ? -4.025  -6.319  14.410  1.00 14.87 ? 16  CYS A CB  1 
ATOM   129 S SG  . CYS A 1 16 ? -5.345  -5.412  15.397  1.00 16.18 ? 16  CYS A SG  1 
ATOM   130 N N   . TYR A 1 17 ? -2.209  -8.527  15.059  1.00 15.76 ? 17  TYR A N   1 
ATOM   131 C CA  . TYR A 1 17 ? -1.318  -9.696  14.987  1.00 17.78 ? 17  TYR A CA  1 
ATOM   132 C C   . TYR A 1 17 ? -1.461  -10.550 13.766  1.00 17.53 ? 17  TYR A C   1 
ATOM   133 O O   . TYR A 1 17 ? -0.732  -11.568 13.686  1.00 18.49 ? 17  TYR A O   1 
ATOM   134 C CB  . TYR A 1 17 ? -1.501  -10.532 16.274  1.00 23.18 ? 17  TYR A CB  1 
ATOM   135 C CG  . TYR A 1 17 ? -1.072  -9.777  17.523  1.00 28.48 ? 17  TYR A CG  1 
ATOM   136 C CD1 . TYR A 1 17 ? 0.250   -9.245  17.565  1.00 33.77 ? 17  TYR A CD1 1 
ATOM   137 C CD2 . TYR A 1 17 ? -1.905  -9.583  18.591  1.00 29.54 ? 17  TYR A CD2 1 
ATOM   138 C CE1 . TYR A 1 17 ? 0.720   -8.581  18.697  1.00 36.69 ? 17  TYR A CE1 1 
ATOM   139 C CE2 . TYR A 1 17 ? -1.474  -8.900  19.736  1.00 36.25 ? 17  TYR A CE2 1 
ATOM   140 C CZ  . TYR A 1 17 ? -0.174  -8.417  19.777  1.00 39.36 ? 17  TYR A CZ  1 
ATOM   141 O OH  . TYR A 1 17 ? 0.247   -7.769  20.915  1.00 45.11 ? 17  TYR A OH  1 
ATOM   142 N N   . ASP A 1 18 ? -2.262  -10.180 12.814  1.00 17.00 ? 18  ASP A N   1 
ATOM   143 C CA  . ASP A 1 18 ? -2.400  -10.966 11.537  1.00 16.46 ? 18  ASP A CA  1 
ATOM   144 C C   . ASP A 1 18 ? -1.223  -10.642 10.648  1.00 17.80 ? 18  ASP A C   1 
ATOM   145 O O   . ASP A 1 18 ? -0.390  -9.752  11.039  1.00 17.46 ? 18  ASP A O   1 
ATOM   146 C CB  . ASP A 1 18 ? -3.754  -10.672 10.928  1.00 14.96 ? 18  ASP A CB  1 
ATOM   147 C CG  . ASP A 1 18 ? -4.271  -11.874 10.123  1.00 16.35 ? 18  ASP A CG  1 
ATOM   148 O OD1 . ASP A 1 18 ? -5.523  -11.914 9.905   1.00 19.89 ? 18  ASP A OD1 1 
ATOM   149 O OD2 . ASP A 1 18 ? -3.392  -12.714 9.852   1.00 14.78 ? 18  ASP A OD2 1 
ATOM   150 N N   . LYS A 1 19 ? -1.149  -11.290 9.504   1.00 18.29 ? 19  LYS A N   1 
ATOM   151 C CA  . LYS A 1 19 ? -0.041  -10.941 8.503   1.00 19.58 ? 19  LYS A CA  1 
ATOM   152 C C   . LYS A 1 19 ? -0.720  -11.159 7.119   1.00 19.92 ? 19  LYS A C   1 
ATOM   153 O O   . LYS A 1 19 ? -0.768  -12.306 6.638   1.00 21.58 ? 19  LYS A O   1 
ATOM   154 C CB  . LYS A 1 19 ? 1.194   -11.771 8.656   1.00 20.27 ? 19  LYS A CB  1 
ATOM   155 N N   . ILE A 1 20 ? -1.410  -10.137 6.642   1.00 16.54 ? 20  ILE A N   1 
ATOM   156 C CA  . ILE A 1 20 ? -2.186  -10.207 5.403   1.00 16.23 ? 20  ILE A CA  1 
ATOM   157 C C   . ILE A 1 20 ? -1.340  -9.649  4.264   1.00 18.23 ? 20  ILE A C   1 
ATOM   158 O O   . ILE A 1 20 ? -0.823  -8.513  4.361   1.00 18.75 ? 20  ILE A O   1 
ATOM   159 C CB  . ILE A 1 20 ? -3.502  -9.471  5.609   1.00 15.86 ? 20  ILE A CB  1 
ATOM   160 C CG1 . ILE A 1 20 ? -4.162  -9.770  6.967   1.00 10.30 ? 20  ILE A CG1 1 
ATOM   161 C CG2 . ILE A 1 20 ? -4.490  -9.565  4.409   1.00 18.47 ? 20  ILE A CG2 1 
ATOM   162 C CD1 . ILE A 1 20 ? -5.584  -9.237  7.094   1.00 10.71 ? 20  ILE A CD1 1 
ATOM   163 N N   . PRO A 1 21 ? -1.077  -10.459 3.275   1.00 19.53 ? 21  PRO A N   1 
ATOM   164 C CA  . PRO A 1 21 ? -0.148  -10.023 2.151   1.00 18.55 ? 21  PRO A CA  1 
ATOM   165 C C   . PRO A 1 21 ? -0.892  -8.957  1.358   1.00 17.00 ? 21  PRO A C   1 
ATOM   166 O O   . PRO A 1 21 ? -2.072  -9.117  0.997   1.00 18.50 ? 21  PRO A O   1 
ATOM   167 C CB  . PRO A 1 21 ? 0.144   -11.261 1.405   1.00 18.76 ? 21  PRO A CB  1 
ATOM   168 C CG  . PRO A 1 21 ? -0.503  -12.411 2.129   1.00 20.96 ? 21  PRO A CG  1 
ATOM   169 C CD  . PRO A 1 21 ? -1.592  -11.824 3.034   1.00 19.89 ? 21  PRO A CD  1 
ATOM   170 N N   . ALA A 1 22 ? -0.261  -7.822  1.167   1.00 14.06 ? 22  ALA A N   1 
ATOM   171 C CA  . ALA A 1 22 ? -0.825  -6.679  0.474   1.00 11.74 ? 22  ALA A CA  1 
ATOM   172 C C   . ALA A 1 22 ? 0.309   -5.903  -0.204  1.00 10.95 ? 22  ALA A C   1 
ATOM   173 O O   . ALA A 1 22 ? 1.500   -6.194  -0.124  1.00 10.66 ? 22  ALA A O   1 
ATOM   174 C CB  . ALA A 1 22 ? -1.544  -5.793  1.535   1.00 13.08 ? 22  ALA A CB  1 
ATOM   175 N N   . PHE A 1 23 ? -0.140  -4.880  -0.923  1.00 10.71 ? 23  PHE A N   1 
ATOM   176 C CA  . PHE A 1 23 ? 0.722   -3.971  -1.647  1.00 9.66  ? 23  PHE A CA  1 
ATOM   177 C C   . PHE A 1 23 ? 0.479   -2.529  -1.217  1.00 10.37 ? 23  PHE A C   1 
ATOM   178 O O   . PHE A 1 23 ? -0.651  -2.103  -0.717  1.00 11.59 ? 23  PHE A O   1 
ATOM   179 C CB  . PHE A 1 23 ? 0.489   -4.160  -3.215  1.00 12.02 ? 23  PHE A CB  1 
ATOM   180 C CG  . PHE A 1 23 ? 0.792   -5.572  -3.650  1.00 12.21 ? 23  PHE A CG  1 
ATOM   181 C CD1 . PHE A 1 23 ? -0.208  -6.551  -3.592  1.00 11.74 ? 23  PHE A CD1 1 
ATOM   182 C CD2 . PHE A 1 23 ? 2.096   -5.931  -3.972  1.00 13.05 ? 23  PHE A CD2 1 
ATOM   183 C CE1 . PHE A 1 23 ? 0.072   -7.888  -3.908  1.00 12.94 ? 23  PHE A CE1 1 
ATOM   184 C CE2 . PHE A 1 23 ? 2.402   -7.260  -4.232  1.00 14.14 ? 23  PHE A CE2 1 
ATOM   185 C CZ  . PHE A 1 23 ? 1.392   -8.210  -4.254  1.00 13.25 ? 23  PHE A CZ  1 
ATOM   186 N N   . TYR A 1 24 ? 1.475   -1.724  -1.353  1.00 9.11  ? 24  TYR A N   1 
ATOM   187 C CA  . TYR A 1 24 ? 1.321   -0.252  -1.135  1.00 10.22 ? 24  TYR A CA  1 
ATOM   188 C C   . TYR A 1 24 ? 2.201   0.371   -2.206  1.00 10.46 ? 24  TYR A C   1 
ATOM   189 O O   . TYR A 1 24 ? 3.209   -0.317  -2.609  1.00 10.62 ? 24  TYR A O   1 
ATOM   190 C CB  . TYR A 1 24 ? 1.825   0.100   0.294   1.00 9.98  ? 24  TYR A CB  1 
ATOM   191 C CG  . TYR A 1 24 ? 3.343   0.057   0.414   1.00 9.77  ? 24  TYR A CG  1 
ATOM   192 C CD1 . TYR A 1 24 ? 4.075   1.239   0.445   1.00 10.91 ? 24  TYR A CD1 1 
ATOM   193 C CD2 . TYR A 1 24 ? 4.047   -1.097  0.556   1.00 10.36 ? 24  TYR A CD2 1 
ATOM   194 C CE1 . TYR A 1 24 ? 5.441   1.285   0.515   1.00 8.90  ? 24  TYR A CE1 1 
ATOM   195 C CE2 . TYR A 1 24 ? 5.439   -1.108  0.681   1.00 7.07  ? 24  TYR A CE2 1 
ATOM   196 C CZ  . TYR A 1 24 ? 6.117   0.072   0.665   1.00 11.23 ? 24  TYR A CZ  1 
ATOM   197 O OH  . TYR A 1 24 ? 7.471   0.055   0.775   1.00 12.72 ? 24  TYR A OH  1 
ATOM   198 N N   . TYR A 1 25 ? 2.018   1.586   -2.527  1.00 9.84  ? 25  TYR A N   1 
ATOM   199 C CA  . TYR A 1 25 ? 2.843   2.342   -3.417  1.00 10.36 ? 25  TYR A CA  1 
ATOM   200 C C   . TYR A 1 25 ? 4.017   2.992   -2.697  1.00 12.92 ? 25  TYR A C   1 
ATOM   201 O O   . TYR A 1 25 ? 3.829   3.768   -1.730  1.00 14.53 ? 25  TYR A O   1 
ATOM   202 C CB  . TYR A 1 25 ? 1.972   3.360   -4.145  1.00 8.52  ? 25  TYR A CB  1 
ATOM   203 C CG  . TYR A 1 25 ? 2.777   4.138   -5.150  1.00 12.76 ? 25  TYR A CG  1 
ATOM   204 C CD1 . TYR A 1 25 ? 3.200   5.432   -4.872  1.00 14.38 ? 25  TYR A CD1 1 
ATOM   205 C CD2 . TYR A 1 25 ? 3.186   3.533   -6.328  1.00 13.94 ? 25  TYR A CD2 1 
ATOM   206 C CE1 . TYR A 1 25 ? 3.957   6.155   -5.780  1.00 16.32 ? 25  TYR A CE1 1 
ATOM   207 C CE2 . TYR A 1 25 ? 3.981   4.225   -7.222  1.00 15.94 ? 25  TYR A CE2 1 
ATOM   208 C CZ  . TYR A 1 25 ? 4.345   5.544   -6.971  1.00 17.83 ? 25  TYR A CZ  1 
ATOM   209 O OH  . TYR A 1 25 ? 5.112   6.205   -7.901  1.00 17.06 ? 25  TYR A OH  1 
ATOM   210 N N   . ASN A 1 26 ? 5.206   2.716   -3.091  1.00 12.98 ? 26  ASN A N   1 
ATOM   211 C CA  . ASN A 1 26 ? 6.451   3.263   -2.636  1.00 15.00 ? 26  ASN A CA  1 
ATOM   212 C C   . ASN A 1 26 ? 6.856   4.443   -3.541  1.00 17.85 ? 26  ASN A C   1 
ATOM   213 O O   . ASN A 1 26 ? 7.424   4.334   -4.647  1.00 18.12 ? 26  ASN A O   1 
ATOM   214 C CB  . ASN A 1 26 ? 7.519   2.168   -2.528  1.00 16.77 ? 26  ASN A CB  1 
ATOM   215 C CG  . ASN A 1 26 ? 8.770   2.708   -1.883  1.00 15.31 ? 26  ASN A CG  1 
ATOM   216 O OD1 . ASN A 1 26 ? 8.911   3.910   -1.729  1.00 22.00 ? 26  ASN A OD1 1 
ATOM   217 N ND2 . ASN A 1 26 ? 9.694   1.842   -1.531  1.00 21.00 ? 26  ASN A ND2 1 
ATOM   218 N N   . GLN A 1 27 ? 6.551   5.594   -3.001  1.00 19.45 ? 27  GLN A N   1 
ATOM   219 C CA  . GLN A 1 27 ? 6.772   6.933   -3.687  1.00 21.58 ? 27  GLN A CA  1 
ATOM   220 C C   . GLN A 1 27 ? 8.226   7.070   -4.039  1.00 21.43 ? 27  GLN A C   1 
ATOM   221 O O   . GLN A 1 27 ? 8.583   7.507   -5.124  1.00 22.53 ? 27  GLN A O   1 
ATOM   222 C CB  . GLN A 1 27 ? 6.217   7.999   -2.768  1.00 22.49 ? 27  GLN A CB  1 
ATOM   223 C CG  . GLN A 1 27 ? 6.348   9.436   -2.905  1.00 27.51 ? 27  GLN A CG  1 
ATOM   224 C CD  . GLN A 1 27 ? 5.797   9.981   -4.232  1.00 28.62 ? 27  GLN A CD  1 
ATOM   225 O OE1 . GLN A 1 27 ? 5.413   9.134   -5.056  1.00 31.49 ? 27  GLN A OE1 1 
ATOM   226 N NE2 . GLN A 1 27 ? 5.721   11.280  -4.366  1.00 27.35 ? 27  GLN A NE2 1 
ATOM   227 N N   . LYS A 1 28 ? 9.115   6.780   -3.105  1.00 22.10 ? 28  LYS A N   1 
ATOM   228 C CA  . LYS A 1 28 ? 10.561  6.950   -3.343  1.00 25.37 ? 28  LYS A CA  1 
ATOM   229 C C   . LYS A 1 28 ? 11.113  6.127   -4.491  1.00 27.11 ? 28  LYS A C   1 
ATOM   230 O O   . LYS A 1 28 ? 12.066  6.595   -5.196  1.00 26.60 ? 28  LYS A O   1 
ATOM   231 C CB  . LYS A 1 28 ? 11.288  6.724   -2.043  1.00 28.70 ? 28  LYS A CB  1 
ATOM   232 C CG  . LYS A 1 28 ? 12.753  6.402   -2.065  1.00 32.57 ? 28  LYS A CG  1 
ATOM   233 N N   . LYS A 1 29 ? 10.633  4.885   -4.681  1.00 26.64 ? 29  LYS A N   1 
ATOM   234 C CA  . LYS A 1 29 ? 11.114  3.921   -5.658  1.00 25.45 ? 29  LYS A CA  1 
ATOM   235 C C   . LYS A 1 29 ? 10.219  3.925   -6.917  1.00 24.04 ? 29  LYS A C   1 
ATOM   236 O O   . LYS A 1 29 ? 10.557  3.293   -7.941  1.00 24.28 ? 29  LYS A O   1 
ATOM   237 C CB  . LYS A 1 29 ? 11.035  2.497   -5.112  1.00 25.11 ? 29  LYS A CB  1 
ATOM   238 C CG  . LYS A 1 29 ? 12.112  2.154   -4.090  1.00 27.63 ? 29  LYS A CG  1 
ATOM   239 C CD  . LYS A 1 29 ? 11.820  0.824   -3.390  1.00 33.01 ? 29  LYS A CD  1 
ATOM   240 C CE  . LYS A 1 29 ? 13.075  0.054   -2.990  1.00 38.14 ? 29  LYS A CE  1 
ATOM   241 N NZ  . LYS A 1 29 ? 12.885  -1.406  -3.007  1.00 38.17 ? 29  LYS A NZ  1 
ATOM   242 N N   . LYS A 1 30 ? 9.058   4.522   -6.770  1.00 22.42 ? 30  LYS A N   1 
ATOM   243 C CA  . LYS A 1 30 ? 8.067   4.601   -7.834  1.00 22.23 ? 30  LYS A CA  1 
ATOM   244 C C   . LYS A 1 30 ? 7.529   3.267   -8.254  1.00 20.60 ? 30  LYS A C   1 
ATOM   245 O O   . LYS A 1 30 ? 7.255   2.937   -9.430  1.00 20.26 ? 30  LYS A O   1 
ATOM   246 C CB  . LYS A 1 30 ? 8.663   5.331   -9.082  1.00 24.48 ? 30  LYS A CB  1 
ATOM   247 C CG  . LYS A 1 30 ? 9.290   6.687   -8.664  1.00 25.58 ? 30  LYS A CG  1 
ATOM   248 C CD  . LYS A 1 30 ? 8.714   7.760   -9.572  1.00 26.22 ? 30  LYS A CD  1 
ATOM   249 C CE  . LYS A 1 30 ? 9.742   8.526   -10.276 1.00 27.20 ? 30  LYS A CE  1 
ATOM   250 N NZ  . LYS A 1 30 ? 9.455   8.669   -11.711 1.00 30.94 ? 30  LYS A NZ  1 
ATOM   251 N N   . GLN A 1 31 ? 7.233   2.437   -7.263  1.00 21.03 ? 31  GLN A N   1 
ATOM   252 C CA  . GLN A 1 31 ? 6.672   1.104   -7.569  1.00 20.03 ? 31  GLN A CA  1 
ATOM   253 C C   . GLN A 1 31 ? 5.810   0.614   -6.427  1.00 17.08 ? 31  GLN A C   1 
ATOM   254 O O   . GLN A 1 31 ? 6.001   1.004   -5.283  1.00 15.52 ? 31  GLN A O   1 
ATOM   255 C CB  . GLN A 1 31 ? 7.844   0.090   -7.715  1.00 25.96 ? 31  GLN A CB  1 
ATOM   256 C CG  . GLN A 1 31 ? 8.770   -0.106  -6.516  1.00 31.00 ? 31  GLN A CG  1 
ATOM   257 C CD  . GLN A 1 31 ? 10.128  -0.692  -6.813  1.00 38.08 ? 31  GLN A CD  1 
ATOM   258 O OE1 . GLN A 1 31 ? 10.704  -0.171  -7.804  1.00 38.31 ? 31  GLN A OE1 1 
ATOM   259 N NE2 . GLN A 1 31 ? 10.682  -1.605  -6.175  1.00 40.89 ? 31  GLN A NE2 1 
ATOM   260 N N   . CYS A 1 32 ? 4.972   -0.312  -6.778  1.00 15.33 ? 32  CYS A N   1 
ATOM   261 C CA  . CYS A 1 32 ? 4.171   -1.060  -5.797  1.00 16.85 ? 32  CYS A CA  1 
ATOM   262 C C   . CYS A 1 32 ? 5.018   -2.191  -5.236  1.00 17.05 ? 32  CYS A C   1 
ATOM   263 O O   . CYS A 1 32 ? 5.778   -2.873  -5.947  1.00 15.82 ? 32  CYS A O   1 
ATOM   264 C CB  . CYS A 1 32 ? 2.896   -1.614  -6.518  1.00 13.24 ? 32  CYS A CB  1 
ATOM   265 S SG  . CYS A 1 32 ? 1.871   -0.240  -6.956  1.00 12.02 ? 32  CYS A SG  1 
ATOM   266 N N   . GLU A 1 33 ? 4.911   -2.321  -3.896  1.00 16.91 ? 33  GLU A N   1 
ATOM   267 C CA  . GLU A 1 33 ? 5.699   -3.313  -3.193  1.00 16.43 ? 33  GLU A CA  1 
ATOM   268 C C   . GLU A 1 33 ? 4.800   -4.035  -2.219  1.00 16.99 ? 33  GLU A C   1 
ATOM   269 O O   . GLU A 1 33 ? 3.746   -3.553  -1.862  1.00 16.83 ? 33  GLU A O   1 
ATOM   270 C CB  . GLU A 1 33 ? 6.865   -2.664  -2.417  1.00 21.94 ? 33  GLU A CB  1 
ATOM   271 C CG  . GLU A 1 33 ? 7.774   -1.798  -3.293  1.00 29.64 ? 33  GLU A CG  1 
ATOM   272 C CD  . GLU A 1 33 ? 9.148   -1.482  -2.675  1.00 34.73 ? 33  GLU A CD  1 
ATOM   273 O OE1 . GLU A 1 33 ? 9.262   -1.236  -1.414  1.00 37.93 ? 33  GLU A OE1 1 
ATOM   274 O OE2 . GLU A 1 33 ? 10.195  -1.445  -3.428  1.00 39.62 ? 33  GLU A OE2 1 
ATOM   275 N N   . ARG A 1 34 ? 5.256   -5.181  -1.801  1.00 17.21 ? 34  ARG A N   1 
ATOM   276 C CA  . ARG A 1 34 ? 4.623   -6.081  -0.888  1.00 16.54 ? 34  ARG A CA  1 
ATOM   277 C C   . ARG A 1 34 ? 4.898   -5.548  0.553   1.00 15.31 ? 34  ARG A C   1 
ATOM   278 O O   . ARG A 1 34 ? 5.996   -5.113  0.795   1.00 15.28 ? 34  ARG A O   1 
ATOM   279 C CB  . ARG A 1 34 ? 5.488   -7.424  -0.857  1.00 18.42 ? 34  ARG A CB  1 
ATOM   280 C CG  . ARG A 1 34 ? 5.034   -8.448  -1.846  1.00 23.69 ? 34  ARG A CG  1 
ATOM   281 N N   . PHE A 1 35 ? 3.954   -5.878  1.358   1.00 15.99 ? 35  PHE A N   1 
ATOM   282 C CA  . PHE A 1 35 ? 4.059   -5.707  2.846   1.00 14.98 ? 35  PHE A CA  1 
ATOM   283 C C   . PHE A 1 35 ? 2.915   -6.609  3.360   1.00 14.11 ? 35  PHE A C   1 
ATOM   284 O O   . PHE A 1 35 ? 2.120   -7.062  2.521   1.00 13.51 ? 35  PHE A O   1 
ATOM   285 C CB  . PHE A 1 35 ? 4.072   -4.235  3.234   1.00 13.90 ? 35  PHE A CB  1 
ATOM   286 C CG  . PHE A 1 35 ? 2.713   -3.578  3.363   1.00 14.09 ? 35  PHE A CG  1 
ATOM   287 C CD1 . PHE A 1 35 ? 2.333   -3.098  4.655   1.00 14.60 ? 35  PHE A CD1 1 
ATOM   288 C CD2 . PHE A 1 35 ? 1.847   -3.427  2.351   1.00 12.47 ? 35  PHE A CD2 1 
ATOM   289 C CE1 . PHE A 1 35 ? 1.118   -2.510  4.844   1.00 13.27 ? 35  PHE A CE1 1 
ATOM   290 C CE2 . PHE A 1 35 ? 0.609   -2.778  2.493   1.00 12.90 ? 35  PHE A CE2 1 
ATOM   291 C CZ  . PHE A 1 35 ? 0.254   -2.305  3.764   1.00 14.03 ? 35  PHE A CZ  1 
ATOM   292 N N   . ASP A 1 36 ? 2.917   -6.969  4.599   1.00 14.29 ? 36  ASP A N   1 
ATOM   293 C CA  . ASP A 1 36 ? 1.990   -7.636  5.421   1.00 14.83 ? 36  ASP A CA  1 
ATOM   294 C C   . ASP A 1 36 ? 1.252   -6.585  6.298   1.00 13.15 ? 36  ASP A C   1 
ATOM   295 O O   . ASP A 1 36 ? 1.887   -5.843  7.049   1.00 13.10 ? 36  ASP A O   1 
ATOM   296 C CB  . ASP A 1 36 ? 2.629   -8.719  6.338   1.00 19.26 ? 36  ASP A CB  1 
ATOM   297 C CG  . ASP A 1 36 ? 3.308   -9.748  5.389   1.00 23.52 ? 36  ASP A CG  1 
ATOM   298 O OD1 . ASP A 1 36 ? 4.485   -10.029 5.539   1.00 27.94 ? 36  ASP A OD1 1 
ATOM   299 O OD2 . ASP A 1 36 ? 2.582   -10.099 4.428   1.00 25.39 ? 36  ASP A OD2 1 
ATOM   300 N N   . TRP A 1 37 ? 0.009   -6.535  6.072   1.00 12.46 ? 37  TRP A N   1 
ATOM   301 C CA  . TRP A 1 37 ? -0.969  -5.734  6.786   1.00 12.62 ? 37  TRP A CA  1 
ATOM   302 C C   . TRP A 1 37 ? -1.439  -6.613  7.990   1.00 12.86 ? 37  TRP A C   1 
ATOM   303 O O   . TRP A 1 37 ? -1.772  -7.775  7.763   1.00 13.29 ? 37  TRP A O   1 
ATOM   304 C CB  . TRP A 1 37 ? -2.125  -5.263  5.973   1.00 13.54 ? 37  TRP A CB  1 
ATOM   305 C CG  . TRP A 1 37 ? -3.062  -4.357  6.778   1.00 10.43 ? 37  TRP A CG  1 
ATOM   306 C CD1 . TRP A 1 37 ? -2.743  -3.154  7.368   1.00 8.55  ? 37  TRP A CD1 1 
ATOM   307 C CD2 . TRP A 1 37 ? -4.429  -4.592  7.005   1.00 6.85  ? 37  TRP A CD2 1 
ATOM   308 N NE1 . TRP A 1 37 ? -3.834  -2.640  7.984   1.00 9.34  ? 37  TRP A NE1 1 
ATOM   309 C CE2 . TRP A 1 37 ? -4.912  -3.501  7.763   1.00 8.67  ? 37  TRP A CE2 1 
ATOM   310 C CE3 . TRP A 1 37 ? -5.331  -5.603  6.664   1.00 10.46 ? 37  TRP A CE3 1 
ATOM   311 C CZ2 . TRP A 1 37 ? -6.220  -3.431  8.176   1.00 7.69  ? 37  TRP A CZ2 1 
ATOM   312 C CZ3 . TRP A 1 37 ? -6.632  -5.508  7.060   1.00 9.18  ? 37  TRP A CZ3 1 
ATOM   313 C CH2 . TRP A 1 37 ? -7.098  -4.399  7.792   1.00 7.54  ? 37  TRP A CH2 1 
ATOM   314 N N   . SER A 1 38 ? -1.418  -5.996  9.150   1.00 10.98 ? 38  SER A N   1 
ATOM   315 C CA  . SER A 1 38 ? -1.677  -6.637  10.411  1.00 9.30  ? 38  SER A CA  1 
ATOM   316 C C   . SER A 1 38 ? -3.105  -6.943  10.672  1.00 8.48  ? 38  SER A C   1 
ATOM   317 O O   . SER A 1 38 ? -3.354  -7.659  11.699  1.00 11.47 ? 38  SER A O   1 
ATOM   318 C CB  . SER A 1 38 ? -1.094  -5.851  11.602  1.00 9.42  ? 38  SER A CB  1 
ATOM   319 O OG  . SER A 1 38 ? -1.962  -4.706  11.826  1.00 11.73 ? 38  SER A OG  1 
ATOM   320 N N   . GLY A 1 39 ? -4.026  -6.452  9.933   1.00 7.85  ? 39  GLY A N   1 
ATOM   321 C CA  . GLY A 1 39 ? -5.444  -6.782  10.273  1.00 8.88  ? 39  GLY A CA  1 
ATOM   322 C C   . GLY A 1 39 ? -6.130  -5.620  10.936  1.00 10.74 ? 39  GLY A C   1 
ATOM   323 O O   . GLY A 1 39 ? -7.377  -5.738  11.030  1.00 12.72 ? 39  GLY A O   1 
ATOM   324 N N   . CYS A 1 40 ? -5.494  -4.533  11.320  1.00 10.30 ? 40  CYS A N   1 
ATOM   325 C CA  . CYS A 1 40 ? -6.175  -3.334  11.874  1.00 9.81  ? 40  CYS A CA  1 
ATOM   326 C C   . CYS A 1 40 ? -5.121  -2.238  11.797  1.00 12.38 ? 40  CYS A C   1 
ATOM   327 O O   . CYS A 1 40 ? -3.936  -2.537  11.636  1.00 13.23 ? 40  CYS A O   1 
ATOM   328 C CB  . CYS A 1 40 ? -6.734  -3.431  13.242  1.00 10.20 ? 40  CYS A CB  1 
ATOM   329 S SG  . CYS A 1 40 ? -5.479  -3.494  14.588  1.00 14.39 ? 40  CYS A SG  1 
ATOM   330 N N   . GLY A 1 41 ? -5.639  -0.993  11.904  1.00 13.41 ? 41  GLY A N   1 
ATOM   331 C CA  . GLY A 1 41 ? -4.588  0.112   11.844  1.00 12.83 ? 41  GLY A CA  1 
ATOM   332 C C   . GLY A 1 41 ? -4.207  0.314   10.380  1.00 12.60 ? 41  GLY A C   1 
ATOM   333 O O   . GLY A 1 41 ? -4.871  -0.160  9.437   1.00 11.99 ? 41  GLY A O   1 
ATOM   334 N N   . GLY A 1 42 ? -3.081  1.008   10.219  1.00 12.50 ? 42  GLY A N   1 
ATOM   335 C CA  . GLY A 1 42 ? -2.598  1.231   8.812   1.00 15.33 ? 42  GLY A CA  1 
ATOM   336 C C   . GLY A 1 42 ? -3.167  2.544   8.282   1.00 15.48 ? 42  GLY A C   1 
ATOM   337 O O   . GLY A 1 42 ? -3.701  3.356   9.064   1.00 17.37 ? 42  GLY A O   1 
ATOM   338 N N   . ASN A 1 43 ? -3.038  2.736   6.993   1.00 13.94 ? 43  ASN A N   1 
ATOM   339 C CA  . ASN A 1 43 ? -3.548  3.977   6.309   1.00 12.33 ? 43  ASN A CA  1 
ATOM   340 C C   . ASN A 1 43 ? -4.024  3.457   4.950   1.00 13.16 ? 43  ASN A C   1 
ATOM   341 O O   . ASN A 1 43 ? -3.965  2.224   4.771   1.00 14.76 ? 43  ASN A O   1 
ATOM   342 C CB  . ASN A 1 43 ? -2.523  5.041   6.296   1.00 8.05  ? 43  ASN A CB  1 
ATOM   343 C CG  . ASN A 1 43 ? -1.234  4.615   5.650   1.00 9.79  ? 43  ASN A CG  1 
ATOM   344 O OD1 . ASN A 1 43 ? -1.244  3.827   4.681   1.00 8.03  ? 43  ASN A OD1 1 
ATOM   345 N ND2 . ASN A 1 43 ? -0.115  5.096   6.214   1.00 7.66  ? 43  ASN A ND2 1 
ATOM   346 N N   . SER A 1 44 ? -4.496  4.258   4.069   1.00 13.92 ? 44  SER A N   1 
ATOM   347 C CA  . SER A 1 44 ? -5.116  3.844   2.825   1.00 14.60 ? 44  SER A CA  1 
ATOM   348 C C   . SER A 1 44 ? -4.177  3.573   1.665   1.00 12.76 ? 44  SER A C   1 
ATOM   349 O O   . SER A 1 44 ? -4.740  3.265   0.559   1.00 13.53 ? 44  SER A O   1 
ATOM   350 C CB  . SER A 1 44 ? -6.272  4.757   2.426   1.00 17.59 ? 44  SER A CB  1 
ATOM   351 O OG  . SER A 1 44 ? -5.809  6.088   2.504   1.00 21.18 ? 44  SER A OG  1 
ATOM   352 N N   . ASN A 1 45 ? -2.917  3.685   1.847   1.00 8.78  ? 45  ASN A N   1 
ATOM   353 C CA  . ASN A 1 45 ? -1.919  3.243   0.888   1.00 9.14  ? 45  ASN A CA  1 
ATOM   354 C C   . ASN A 1 45 ? -1.800  1.709   1.113   1.00 7.73  ? 45  ASN A C   1 
ATOM   355 O O   . ASN A 1 45 ? -0.801  1.323   1.692   1.00 7.73  ? 45  ASN A O   1 
ATOM   356 C CB  . ASN A 1 45 ? -0.536  3.913   1.101   1.00 11.26 ? 45  ASN A CB  1 
ATOM   357 C CG  . ASN A 1 45 ? 0.445   3.559   -0.046  1.00 12.17 ? 45  ASN A CG  1 
ATOM   358 O OD1 . ASN A 1 45 ? 0.047   2.914   -1.041  1.00 7.92  ? 45  ASN A OD1 1 
ATOM   359 N ND2 . ASN A 1 45 ? 1.616   4.119   0.016   1.00 8.60  ? 45  ASN A ND2 1 
ATOM   360 N N   . ARG A 1 46 ? -2.786  0.944   0.720   1.00 8.74  ? 46  ARG A N   1 
ATOM   361 C CA  . ARG A 1 46 ? -2.701  -0.554  0.930   1.00 10.41 ? 46  ARG A CA  1 
ATOM   362 C C   . ARG A 1 46 ? -3.620  -1.151  -0.120  1.00 10.91 ? 46  ARG A C   1 
ATOM   363 O O   . ARG A 1 46 ? -4.786  -0.627  -0.233  1.00 10.64 ? 46  ARG A O   1 
ATOM   364 C CB  . ARG A 1 46 ? -3.438  -0.857  2.314   1.00 14.55 ? 46  ARG A CB  1 
ATOM   365 C CG  . ARG A 1 46 ? -3.111  -2.231  2.878   1.00 13.70 ? 46  ARG A CG  1 
ATOM   366 C CD  . ARG A 1 46 ? -4.106  -2.603  3.957   1.00 13.83 ? 46  ARG A CD  1 
ATOM   367 N NE  . ARG A 1 46 ? -4.570  -1.445  4.664   1.00 15.36 ? 46  ARG A NE  1 
ATOM   368 C CZ  . ARG A 1 46 ? -5.848  -1.290  5.031   1.00 14.20 ? 46  ARG A CZ  1 
ATOM   369 N NH1 . ARG A 1 46 ? -6.751  -2.178  4.817   1.00 12.08 ? 46  ARG A NH1 1 
ATOM   370 N NH2 . ARG A 1 46 ? -6.144  -0.123  5.648   1.00 16.52 ? 46  ARG A NH2 1 
ATOM   371 N N   . PHE A 1 47 ? -3.164  -2.137  -0.818  1.00 10.77 ? 47  PHE A N   1 
ATOM   372 C CA  . PHE A 1 47 ? -4.042  -2.746  -1.916  1.00 11.72 ? 47  PHE A CA  1 
ATOM   373 C C   . PHE A 1 47 ? -4.021  -4.223  -1.744  1.00 12.80 ? 47  PHE A C   1 
ATOM   374 O O   . PHE A 1 47 ? -2.918  -4.763  -1.405  1.00 14.47 ? 47  PHE A O   1 
ATOM   375 C CB  . PHE A 1 47 ? -3.343  -2.307  -3.257  1.00 11.30 ? 47  PHE A CB  1 
ATOM   376 C CG  . PHE A 1 47 ? -3.484  -0.816  -3.444  1.00 13.88 ? 47  PHE A CG  1 
ATOM   377 C CD1 . PHE A 1 47 ? -4.681  -0.249  -3.824  1.00 10.16 ? 47  PHE A CD1 1 
ATOM   378 C CD2 . PHE A 1 47 ? -2.426  0.018   -3.010  1.00 13.69 ? 47  PHE A CD2 1 
ATOM   379 C CE1 . PHE A 1 47 ? -4.796  1.137   -3.855  1.00 11.37 ? 47  PHE A CE1 1 
ATOM   380 C CE2 . PHE A 1 47 ? -2.497  1.386   -3.087  1.00 12.68 ? 47  PHE A CE2 1 
ATOM   381 C CZ  . PHE A 1 47 ? -3.734  1.934   -3.482  1.00 10.73 ? 47  PHE A CZ  1 
ATOM   382 N N   . LYS A 1 48 ? -5.096  -4.917  -2.125  1.00 13.89 ? 48  LYS A N   1 
ATOM   383 C CA  . LYS A 1 48 ? -5.100  -6.395  -2.043  1.00 14.94 ? 48  LYS A CA  1 
ATOM   384 C C   . LYS A 1 48 ? -4.274  -7.082  -3.145  1.00 14.89 ? 48  LYS A C   1 
ATOM   385 O O   . LYS A 1 48 ? -3.763  -8.163  -2.883  1.00 15.99 ? 48  LYS A O   1 
ATOM   386 C CB  . LYS A 1 48 ? -6.481  -6.985  -2.103  1.00 17.25 ? 48  LYS A CB  1 
ATOM   387 C CG  . LYS A 1 48 ? -7.151  -7.181  -0.717  1.00 19.39 ? 48  LYS A CG  1 
ATOM   388 C CD  . LYS A 1 48 ? -8.579  -6.678  -0.909  1.00 26.78 ? 48  LYS A CD  1 
ATOM   389 C CE  . LYS A 1 48 ? -9.681  -7.412  -0.322  1.00 29.87 ? 48  LYS A CE  1 
ATOM   390 N NZ  . LYS A 1 48 ? -10.981 -7.015  -1.043  1.00 35.17 ? 48  LYS A NZ  1 
ATOM   391 N N   . THR A 1 49 ? -4.158  -6.510  -4.315  1.00 14.37 ? 49  THR A N   1 
ATOM   392 C CA  . THR A 1 49 ? -3.462  -7.029  -5.481  1.00 12.89 ? 49  THR A CA  1 
ATOM   393 C C   . THR A 1 49 ? -2.550  -5.989  -6.068  1.00 12.31 ? 49  THR A C   1 
ATOM   394 O O   . THR A 1 49 ? -2.756  -4.759  -5.905  1.00 13.18 ? 49  THR A O   1 
ATOM   395 C CB  . THR A 1 49 ? -4.524  -7.481  -6.604  1.00 12.32 ? 49  THR A CB  1 
ATOM   396 O OG1 . THR A 1 49 ? -5.005  -6.335  -7.240  1.00 11.32 ? 49  THR A OG1 1 
ATOM   397 C CG2 . THR A 1 49 ? -5.700  -8.364  -6.057  1.00 13.74 ? 49  THR A CG2 1 
ATOM   398 N N   . ILE A 1 50 ? -1.515  -6.414  -6.750  1.00 11.84 ? 50  ILE A N   1 
ATOM   399 C CA  . ILE A 1 50 ? -0.574  -5.512  -7.418  1.00 12.33 ? 50  ILE A CA  1 
ATOM   400 C C   . ILE A 1 50 ? -1.291  -4.746  -8.532  1.00 13.69 ? 50  ILE A C   1 
ATOM   401 O O   . ILE A 1 50 ? -0.887  -3.573  -8.766  1.00 14.37 ? 50  ILE A O   1 
ATOM   402 C CB  . ILE A 1 50 ? 0.630   -6.314  -8.051  1.00 14.68 ? 50  ILE A CB  1 
ATOM   403 C CG1 . ILE A 1 50 ? 1.607   -5.317  -8.695  1.00 16.16 ? 50  ILE A CG1 1 
ATOM   404 C CG2 . ILE A 1 50 ? 0.111   -7.335  -9.125  1.00 14.12 ? 50  ILE A CG2 1 
ATOM   405 C CD1 . ILE A 1 50 ? 2.672   -4.753  -7.741  1.00 13.08 ? 50  ILE A CD1 1 
ATOM   406 N N   . GLU A 1 51 ? -2.300  -5.372  -9.181  1.00 11.33 ? 51  GLU A N   1 
ATOM   407 C CA  . GLU A 1 51 ? -3.041  -4.748  -10.260 1.00 11.50 ? 51  GLU A CA  1 
ATOM   408 C C   . GLU A 1 51 ? -3.800  -3.510  -9.784  1.00 12.14 ? 51  GLU A C   1 
ATOM   409 O O   . GLU A 1 51 ? -3.721  -2.488  -10.419 1.00 12.31 ? 51  GLU A O   1 
ATOM   410 C CB  . GLU A 1 51 ? -4.099  -5.638  -10.999 1.00 8.41  ? 51  GLU A CB  1 
ATOM   411 C CG  . GLU A 1 51 ? -3.385  -6.835  -11.745 1.00 10.73 ? 51  GLU A CG  1 
ATOM   412 C CD  . GLU A 1 51 ? -3.127  -7.991  -10.827 1.00 13.53 ? 51  GLU A CD  1 
ATOM   413 O OE1 . GLU A 1 51 ? -2.822  -8.013  -9.637  1.00 16.77 ? 51  GLU A OE1 1 
ATOM   414 O OE2 . GLU A 1 51 ? -3.296  -9.090  -11.377 1.00 18.59 ? 51  GLU A OE2 1 
ATOM   415 N N   . GLU A 1 52 ? -4.483  -3.586  -8.686  1.00 12.91 ? 52  GLU A N   1 
ATOM   416 C CA  . GLU A 1 52 ? -5.126  -2.593  -7.953  1.00 14.41 ? 52  GLU A CA  1 
ATOM   417 C C   . GLU A 1 52 ? -4.174  -1.483  -7.543  1.00 14.82 ? 52  GLU A C   1 
ATOM   418 O O   . GLU A 1 52 ? -4.538  -0.291  -7.723  1.00 17.17 ? 52  GLU A O   1 
ATOM   419 C CB  . GLU A 1 52 ? -5.809  -3.074  -6.663  1.00 19.87 ? 52  GLU A CB  1 
ATOM   420 C CG  . GLU A 1 52 ? -7.346  -3.069  -6.670  1.00 32.10 ? 52  GLU A CG  1 
ATOM   421 C CD  . GLU A 1 52 ? -8.072  -1.813  -7.058  1.00 37.09 ? 52  GLU A CD  1 
ATOM   422 O OE1 . GLU A 1 52 ? -8.002  -0.717  -6.476  1.00 39.20 ? 52  GLU A OE1 1 
ATOM   423 O OE2 . GLU A 1 52 ? -8.806  -2.009  -8.104  1.00 40.02 ? 52  GLU A OE2 1 
ATOM   424 N N   . CYS A 1 53 ? -3.027  -1.820  -7.020  1.00 13.44 ? 53  CYS A N   1 
ATOM   425 C CA  . CYS A 1 53 ? -2.016  -0.755  -6.675  1.00 13.04 ? 53  CYS A CA  1 
ATOM   426 C C   . CYS A 1 53 ? -1.616  0.045   -7.900  1.00 13.82 ? 53  CYS A C   1 
ATOM   427 O O   . CYS A 1 53 ? -1.548  1.333   -7.947  1.00 12.50 ? 53  CYS A O   1 
ATOM   428 C CB  . CYS A 1 53 ? -0.886  -1.431  -5.930  1.00 8.60  ? 53  CYS A CB  1 
ATOM   429 S SG  . CYS A 1 53 ? 0.509   -0.329  -5.479  1.00 16.05 ? 53  CYS A SG  1 
ATOM   430 N N   . ARG A 1 54 ? -1.233  -0.719  -8.977  1.00 12.78 ? 54  ARG A N   1 
ATOM   431 C CA  . ARG A 1 54 ? -0.802  -0.162  -10.228 1.00 11.32 ? 54  ARG A CA  1 
ATOM   432 C C   . ARG A 1 54 ? -1.806  0.747   -10.858 1.00 11.26 ? 54  ARG A C   1 
ATOM   433 O O   . ARG A 1 54 ? -1.462  1.906   -11.216 1.00 12.65 ? 54  ARG A O   1 
ATOM   434 C CB  . ARG A 1 54 ? -0.273  -1.231  -11.196 1.00 12.00 ? 54  ARG A CB  1 
ATOM   435 C CG  . ARG A 1 54 ? 1.028   -1.867  -10.685 1.00 20.17 ? 54  ARG A CG  1 
ATOM   436 C CD  . ARG A 1 54 ? 1.601   -2.770  -11.842 1.00 22.31 ? 54  ARG A CD  1 
ATOM   437 N NE  . ARG A 1 54 ? 1.808   -1.861  -12.958 1.00 22.32 ? 54  ARG A NE  1 
ATOM   438 C CZ  . ARG A 1 54 ? 2.996   -1.381  -13.340 1.00 19.23 ? 54  ARG A CZ  1 
ATOM   439 N NH1 . ARG A 1 54 ? 4.075   -1.861  -12.840 1.00 18.36 ? 54  ARG A NH1 1 
ATOM   440 N NH2 . ARG A 1 54 ? 2.953   -0.454  -14.315 1.00 19.81 ? 54  ARG A NH2 1 
ATOM   441 N N   . ARG A 1 55 ? -3.024  0.344   -11.085 1.00 10.10 ? 55  ARG A N   1 
ATOM   442 C CA  . ARG A 1 55 ? -4.057  1.222   -11.631 1.00 12.54 ? 55  ARG A CA  1 
ATOM   443 C C   . ARG A 1 55 ? -4.314  2.495   -10.873 1.00 14.67 ? 55  ARG A C   1 
ATOM   444 O O   . ARG A 1 55 ? -4.585  3.590   -11.451 1.00 15.25 ? 55  ARG A O   1 
ATOM   445 C CB  . ARG A 1 55 ? -5.427  0.357   -11.587 1.00 8.27  ? 55  ARG A CB  1 
ATOM   446 C CG  . ARG A 1 55 ? -5.413  -0.488  -12.895 1.00 7.05  ? 55  ARG A CG  1 
ATOM   447 C CD  . ARG A 1 55 ? -6.802  -1.008  -13.123 1.00 8.53  ? 55  ARG A CD  1 
ATOM   448 N NE  . ARG A 1 55 ? -7.196  -2.079  -12.297 1.00 10.79 ? 55  ARG A NE  1 
ATOM   449 C CZ  . ARG A 1 55 ? -6.834  -3.385  -12.311 1.00 11.20 ? 55  ARG A CZ  1 
ATOM   450 N NH1 . ARG A 1 55 ? -5.992  -3.900  -13.219 1.00 12.13 ? 55  ARG A NH1 1 
ATOM   451 N NH2 . ARG A 1 55 ? -7.434  -4.213  -11.472 1.00 11.81 ? 55  ARG A NH2 1 
ATOM   452 N N   . THR A 1 56 ? -4.436  2.413   -9.541  1.00 17.71 ? 56  THR A N   1 
ATOM   453 C CA  . THR A 1 56 ? -4.724  3.443   -8.590  1.00 16.40 ? 56  THR A CA  1 
ATOM   454 C C   . THR A 1 56 ? -3.619  4.512   -8.490  1.00 15.47 ? 56  THR A C   1 
ATOM   455 O O   . THR A 1 56 ? -3.958  5.735   -8.520  1.00 16.10 ? 56  THR A O   1 
ATOM   456 C CB  . THR A 1 56 ? -5.168  3.026   -7.139  1.00 14.83 ? 56  THR A CB  1 
ATOM   457 O OG1 . THR A 1 56 ? -6.064  1.897   -7.117  1.00 16.18 ? 56  THR A OG1 1 
ATOM   458 C CG2 . THR A 1 56 ? -5.729  4.233   -6.377  1.00 10.01 ? 56  THR A CG2 1 
ATOM   459 N N   . CYS A 1 57 ? -2.399  4.128   -8.389  1.00 14.47 ? 57  CYS A N   1 
ATOM   460 C CA  . CYS A 1 57 ? -1.280  5.001   -8.168  1.00 15.40 ? 57  CYS A CA  1 
ATOM   461 C C   . CYS A 1 57 ? -0.390  5.259   -9.354  1.00 17.83 ? 57  CYS A C   1 
ATOM   462 O O   . CYS A 1 57 ? 0.337   6.275   -9.361  1.00 19.09 ? 57  CYS A O   1 
ATOM   463 C CB  . CYS A 1 57 ? -0.368  4.424   -6.995  1.00 13.81 ? 57  CYS A CB  1 
ATOM   464 S SG  . CYS A 1 57 ? -1.326  4.402   -5.414  1.00 14.82 ? 57  CYS A SG  1 
ATOM   465 N N   . ILE A 1 58 ? -0.309  4.325   -10.301 1.00 17.82 ? 58  ILE A N   1 
ATOM   466 C CA  . ILE A 1 58 ? 0.541   4.409   -11.447 1.00 18.75 ? 58  ILE A CA  1 
ATOM   467 C C   . ILE A 1 58 ? -0.249  4.677   -12.737 1.00 20.28 ? 58  ILE A C   1 
ATOM   468 O O   . ILE A 1 58 ? 0.016   5.679   -13.404 1.00 18.96 ? 58  ILE A O   1 
ATOM   469 C CB  . ILE A 1 58 ? 1.477   3.155   -11.588 1.00 17.75 ? 58  ILE A CB  1 
ATOM   470 C CG1 . ILE A 1 58 ? 2.387   3.068   -10.339 1.00 16.38 ? 58  ILE A CG1 1 
ATOM   471 C CG2 . ILE A 1 58 ? 2.322   3.286   -12.881 1.00 18.71 ? 58  ILE A CG2 1 
ATOM   472 C CD1 . ILE A 1 58 ? 2.853   1.579   -10.078 1.00 17.46 ? 58  ILE A CD1 1 
ATOM   473 N N   . GLY A 1 59 ? -1.223  3.866   -12.983 1.00 24.03 ? 59  GLY A N   1 
ATOM   474 C CA  . GLY A 1 59 ? -2.118  3.768   -14.114 1.00 27.54 ? 59  GLY A CA  1 
ATOM   475 C C   . GLY A 1 59 ? -1.790  2.507   -14.926 1.00 31.44 ? 59  GLY A C   1 
ATOM   476 O O   . GLY A 1 59 ? -1.525  2.689   -16.141 1.00 33.91 ? 59  GLY A O   1 
ATOM   477 O OXT . GLY A 1 59 ? -1.634  1.410   -14.356 1.00 34.32 ? 59  GLY A OXT 1 
HETATM 478 S S   . SO4 B 2 .  ? -8.625  0.620   13.227  1.00 27.65 ? 60  SO4 A S   1 
HETATM 479 O O1  . SO4 B 2 .  ? -9.019  0.339   14.646  1.00 28.45 ? 60  SO4 A O1  1 
HETATM 480 O O2  . SO4 B 2 .  ? -7.383  1.428   13.175  1.00 27.68 ? 60  SO4 A O2  1 
HETATM 481 O O3  . SO4 B 2 .  ? -8.256  -0.734  12.587  1.00 29.28 ? 60  SO4 A O3  1 
HETATM 482 O O4  . SO4 B 2 .  ? -9.757  1.195   12.490  1.00 28.07 ? 60  SO4 A O4  1 
HETATM 483 S S   . SO4 C 2 .  ? -2.313  1.996   14.359  0.50 24.44 ? 61  SO4 A S   1 
HETATM 484 O O1  . SO4 C 2 .  ? -1.037  2.141   15.124  0.50 24.06 ? 61  SO4 A O1  1 
HETATM 485 O O2  . SO4 C 2 .  ? -2.048  2.332   12.877  0.50 23.58 ? 61  SO4 A O2  1 
HETATM 486 O O3  . SO4 C 2 .  ? -2.780  0.565   14.471  0.50 24.77 ? 61  SO4 A O3  1 
HETATM 487 O O4  . SO4 C 2 .  ? -3.415  2.873   14.873  0.50 22.98 ? 61  SO4 A O4  1 
HETATM 488 S S   . SO4 D 2 .  ? 5.396   -5.171  -11.042 0.50 27.82 ? 62  SO4 A S   1 
HETATM 489 O O1  . SO4 D 2 .  ? 4.678   -6.493  -10.929 0.50 28.08 ? 62  SO4 A O1  1 
HETATM 490 O O2  . SO4 D 2 .  ? 6.856   -5.502  -10.928 0.50 29.52 ? 62  SO4 A O2  1 
HETATM 491 O O3  . SO4 D 2 .  ? 5.018   -4.196  -10.000 0.50 27.63 ? 62  SO4 A O3  1 
HETATM 492 O O4  . SO4 D 2 .  ? 5.097   -4.560  -12.387 0.50 28.83 ? 62  SO4 A O4  1 
HETATM 493 S S   . SO4 E 2 .  ? -7.028  12.974  -5.073  0.50 17.64 ? 63  SO4 A S   1 
HETATM 494 O O1  . SO4 E 2 .  ? -5.975  13.821  -5.666  0.50 18.58 ? 63  SO4 A O1  1 
HETATM 495 O O2  . SO4 E 2 .  ? -7.780  13.713  -4.001  0.50 18.89 ? 63  SO4 A O2  1 
HETATM 496 O O3  . SO4 E 2 .  ? -6.313  11.811  -4.381  0.50 19.52 ? 63  SO4 A O3  1 
HETATM 497 O O4  . SO4 E 2 .  ? -7.971  12.443  -6.053  0.50 18.53 ? 63  SO4 A O4  1 
HETATM 498 S S   . SO4 F 2 .  ? -6.186  -5.327  2.619   0.50 34.40 ? 64  SO4 A S   1 
HETATM 499 O O1  . SO4 F 2 .  ? -7.153  -6.483  2.722   0.50 33.89 ? 64  SO4 A O1  1 
HETATM 500 O O2  . SO4 F 2 .  ? -5.359  -5.299  3.863   0.50 34.74 ? 64  SO4 A O2  1 
HETATM 501 O O3  . SO4 F 2 .  ? -5.246  -5.536  1.457   0.50 33.81 ? 64  SO4 A O3  1 
HETATM 502 O O4  . SO4 F 2 .  ? -6.935  -4.041  2.441   0.50 33.74 ? 64  SO4 A O4  1 
HETATM 503 O O   . HOH G 3 .  ? -3.598  4.824   12.003  1.00 34.72 ? 65  HOH A O   1 
HETATM 504 O O   . HOH G 3 .  ? -5.411  3.575   -13.995 1.00 28.45 ? 66  HOH A O   1 
HETATM 505 O O   . HOH G 3 .  ? 4.811   5.711   -0.005  1.00 25.25 ? 67  HOH A O   1 
HETATM 506 O O   . HOH G 3 .  ? 6.015   4.031   2.215   1.00 35.81 ? 68  HOH A O   1 
HETATM 507 O O   . HOH G 3 .  ? 1.853   -5.497  13.729  1.00 36.23 ? 69  HOH A O   1 
HETATM 508 O O   . HOH G 3 .  ? 6.071   2.343   -11.820 1.00 28.48 ? 70  HOH A O   1 
HETATM 509 O O   . HOH G 3 .  ? 6.463   -6.878  5.441   1.00 32.51 ? 71  HOH A O   1 
HETATM 510 O O   . HOH G 3 .  ? 4.815   -1.328  -9.375  1.00 27.17 ? 72  HOH A O   1 
HETATM 511 O O   . HOH G 3 .  ? -9.160  -7.810  10.279  1.00 10.04 ? 73  HOH A O   1 
HETATM 512 O O   . HOH G 3 .  ? 1.195   4.889   13.230  1.00 35.64 ? 74  HOH A O   1 
HETATM 513 O O   . HOH G 3 .  ? 2.426   -13.623 5.694   1.00 59.29 ? 75  HOH A O   1 
HETATM 514 O O   . HOH G 3 .  ? 6.097   -0.098  -13.239 1.00 34.86 ? 76  HOH A O   1 
HETATM 515 O O   . HOH G 3 .  ? -6.669  12.949  0.866   1.00 36.96 ? 77  HOH A O   1 
HETATM 516 O O   . HOH G 3 .  ? -3.368  6.452   9.809   1.00 20.26 ? 78  HOH A O   1 
HETATM 517 O O   . HOH G 3 .  ? -9.208  -0.196  7.179   1.00 40.07 ? 79  HOH A O   1 
HETATM 518 O O   . HOH G 3 .  ? -7.022  2.603   -0.258  1.00 13.58 ? 80  HOH A O   1 
HETATM 519 O O   . HOH G 3 .  ? -1.736  0.163   5.708   1.00 9.93  ? 81  HOH A O   1 
HETATM 520 O O   . HOH G 3 .  ? -10.972 -9.993  1.288   1.00 56.07 ? 82  HOH A O   1 
HETATM 521 O O   . HOH G 3 .  ? -9.298  -0.929  -10.359 1.00 30.88 ? 83  HOH A O   1 
HETATM 522 O O   . HOH G 3 .  ? -8.040  3.538   -12.690 1.00 39.91 ? 84  HOH A O   1 
HETATM 523 O O   . HOH G 3 .  ? 0.062   1.470   4.244   1.00 13.40 ? 85  HOH A O   1 
HETATM 524 O O   . HOH G 3 .  ? 1.906   -15.387 3.071   1.00 48.32 ? 86  HOH A O   1 
HETATM 525 O O   . HOH G 3 .  ? 5.591   8.379   -7.472  1.00 23.68 ? 87  HOH A O   1 
HETATM 526 O O   . HOH G 3 .  ? -7.298  -3.391  -2.931  1.00 17.98 ? 88  HOH A O   1 
HETATM 527 O O   . HOH G 3 .  ? 1.490   -8.081  12.607  1.00 30.66 ? 89  HOH A O   1 
HETATM 528 O O   . HOH G 3 .  ? -5.814  5.079   8.434   1.00 36.34 ? 90  HOH A O   1 
HETATM 529 O O   . HOH G 3 .  ? -8.114  -10.781 -4.043  1.00 46.04 ? 91  HOH A O   1 
HETATM 530 O O   . HOH G 3 .  ? -7.345  -0.073  -1.951  1.00 29.36 ? 92  HOH A O   1 
HETATM 531 O O   . HOH G 3 .  ? -0.602  5.636   9.040   1.00 18.08 ? 93  HOH A O   1 
HETATM 532 O O   . HOH G 3 .  ? 7.925   -6.409  -3.235  1.00 35.98 ? 94  HOH A O   1 
HETATM 533 O O   . HOH G 3 .  ? 2.196   6.978   8.625   1.00 26.22 ? 95  HOH A O   1 
HETATM 534 O O   . HOH G 3 .  ? -3.773  13.349  -6.624  1.00 31.15 ? 96  HOH A O   1 
HETATM 535 O O   . HOH G 3 .  ? -7.315  3.919   5.798   1.00 39.24 ? 97  HOH A O   1 
HETATM 536 O O   . HOH G 3 .  ? 13.119  1.398   -8.442  1.00 48.62 ? 98  HOH A O   1 
HETATM 537 O O   . HOH G 3 .  ? 15.288  -0.578  -5.297  1.00 47.20 ? 99  HOH A O   1 
HETATM 538 O O   . HOH G 3 .  ? -10.162 -5.701  -3.436  1.00 57.29 ? 100 HOH A O   1 
HETATM 539 O O   . HOH G 3 .  ? -8.791  -0.470  -4.438  1.00 33.98 ? 101 HOH A O   1 
HETATM 540 O O   . HOH G 3 .  ? 0.540   0.211   -15.460 1.00 50.13 ? 102 HOH A O   1 
HETATM 541 O O   . HOH G 3 .  ? 7.452   -3.809  3.157   1.00 56.85 ? 103 HOH A O   1 
HETATM 542 O O   . HOH G 3 .  ? -2.135  -15.490 9.319   1.00 45.97 ? 104 HOH A O   1 
HETATM 543 O O   . HOH G 3 .  ? 4.701   -5.406  6.540   1.00 30.80 ? 105 HOH A O   1 
HETATM 544 O O   . HOH G 3 .  ? 6.316   -9.279  8.676   1.00 38.50 ? 106 HOH A O   1 
HETATM 545 O O   . HOH G 3 .  ? 4.373   0.955   12.279  1.00 33.45 ? 107 HOH A O   1 
HETATM 546 O O   . HOH G 3 .  ? 2.503   -8.801  -0.534  1.00 24.99 ? 108 HOH A O   1 
HETATM 547 O O   . HOH G 3 .  ? -8.077  -10.366 9.827   1.00 27.93 ? 109 HOH A O   1 
HETATM 548 O O   . HOH G 3 .  ? -4.836  -10.586 -1.255  1.00 50.35 ? 110 HOH A O   1 
HETATM 549 O O   . HOH G 3 .  ? 2.074   0.915   12.992  1.00 34.11 ? 111 HOH A O   1 
HETATM 550 O O   . HOH G 3 .  ? 5.237   -12.666 4.912   1.00 55.28 ? 112 HOH A O   1 
HETATM 551 O O   . HOH G 3 .  ? -2.232  -9.541  -1.631  1.00 40.47 ? 113 HOH A O   1 
HETATM 552 O O   . HOH G 3 .  ? 9.474   1.489   5.111   1.00 41.59 ? 114 HOH A O   1 
HETATM 553 O O   . HOH G 3 .  ? 5.281   2.769   9.791   1.00 51.56 ? 115 HOH A O   1 
HETATM 554 O O   . HOH G 3 .  ? 4.374   6.183   -11.424 1.00 52.59 ? 116 HOH A O   1 
HETATM 555 O O   . HOH G 3 .  ? -9.469  -9.396  -6.685  1.00 54.31 ? 117 HOH A O   1 
HETATM 556 O O   . HOH G 3 .  ? -1.659  -2.118  -14.501 1.00 50.45 ? 118 HOH A O   1 
HETATM 557 O O   . HOH G 3 .  ? -0.773  5.143   -16.796 1.00 58.04 ? 119 HOH A O   1 
HETATM 558 O O   . HOH G 3 .  ? 3.677   -3.033  13.437  1.00 58.16 ? 120 HOH A O   1 
HETATM 559 O O   . HOH G 3 .  ? -5.154  -12.211 0.615   1.00 53.59 ? 121 HOH A O   1 
HETATM 560 O O   . HOH G 3 .  ? 6.456   11.956  -7.321  1.00 56.06 ? 122 HOH A O   1 
HETATM 561 O O   . HOH G 3 .  ? 3.398   4.986   8.586   1.00 43.80 ? 123 HOH A O   1 
# 
